data_2BMR
#
_entry.id   2BMR
#
_cell.length_a   121.625
_cell.length_b   121.625
_cell.length_c   84.002
_cell.angle_alpha   90.00
_cell.angle_beta   90.00
_cell.angle_gamma   120.00
#
_symmetry.space_group_name_H-M   'P 63'
#
loop_
_entity.id
_entity.type
_entity.pdbx_description
1 polymer 'OXYGENASE-ALPHA NBDO'
2 polymer 'OXYGENASE-BETA NBDO'
3 non-polymer 'FE2/S2 (INORGANIC) CLUSTER'
4 non-polymer 'FE (III) ION'
5 non-polymer 3-NITROTOLUENE
6 non-polymer 1,2-ETHANEDIOL
7 non-polymer ETHANOL
8 non-polymer 'NICKEL (II) ION'
9 water water
#
loop_
_entity_poly.entity_id
_entity_poly.type
_entity_poly.pdbx_seq_one_letter_code
_entity_poly.pdbx_strand_id
1 'polypeptide(L)'
;MSYQNLVSEAGLTQKLLIHGDKELFQHELKTIFARNWLFLTHDSLIPSPGDYVKAKMGVDEVIVSRQNDGSVRAFLNVCR
HRGKTLVHAEAGNAKGFVCGYHGWGYGSNGELQSVPFEKELYGDAIKKKCLGLKEVPRIESFHGFIYGCFDAEAPPLIDY
LGDAAWYLEPTFKYSGGLELVGPPGKVVVKANWKSFAENFVGDGYHVGWTHAAALRAGQSVFSSIAGNAKLPPEGAGLQM
TSKYGSGMGVFWGYYSGNFSADMIPDLMAFGAAKQEKLAKEIGDVRARIYRSFLNGTIFPNNSFLTGSAAFRVWNPIDEN
TTEVWTYAFVEKDMPEDLKRRVADAVQRSIGPAGFWESDDNENMETMSQNGKKYQSSNIDQIASLGFGKDVYGDECYPGV
VGKSAIGETSYRGFYRAYQAHISSSNWAEFENASRNWHIEHTKTTDR
;
A
2 'polypeptide(L)'
;MMINTQEDKLVSAHDAEEFHRFFVGHDSDLQQEVTTLLTREAHLLDIQAYKAWLEHFVAPEIKYQVISRELRSTSERRYQ
LNDAVNLYNENYQQLKVRVEHQMDPQNWANNPKIRFTRFVTNVTAAKDKSAPEILHVRSNLILHRARRENQVDVFYATRE
DKWKRIEGGGIKLVERFVDYPERIPQTHNLLVFL
;
B
#
# COMPACT_ATOMS: atom_id res chain seq x y z
N TYR A 3 26.19 10.29 14.79
CA TYR A 3 25.23 9.21 14.38
C TYR A 3 25.62 7.84 14.93
N GLN A 4 26.76 7.76 15.61
CA GLN A 4 27.18 6.53 16.28
C GLN A 4 26.34 6.29 17.53
N ASN A 5 26.19 5.01 17.89
CA ASN A 5 25.48 4.62 19.12
C ASN A 5 24.00 5.02 19.18
N LEU A 6 23.36 5.15 18.02
CA LEU A 6 21.90 5.28 17.98
C LEU A 6 21.27 3.89 18.13
N VAL A 7 22.03 2.87 17.76
CA VAL A 7 21.67 1.46 17.93
C VAL A 7 22.79 0.78 18.70
N SER A 8 22.44 -0.02 19.72
CA SER A 8 23.44 -0.70 20.55
C SER A 8 23.95 -2.01 19.89
N GLU A 9 25.03 -2.70 20.46
CA GLU A 9 25.56 -3.94 19.82
C GLU A 9 24.45 -4.94 19.74
N ALA A 10 24.62 -5.70 18.70
CA ALA A 10 23.67 -6.76 18.29
C ALA A 10 22.28 -6.22 17.93
N GLY A 11 22.19 -4.90 17.72
CA GLY A 11 20.91 -4.23 17.43
C GLY A 11 19.89 -4.34 18.55
N LEU A 12 20.36 -4.51 19.79
CA LEU A 12 19.50 -4.81 20.93
C LEU A 12 18.56 -3.66 21.34
N THR A 13 19.08 -2.44 21.25
CA THR A 13 18.31 -1.25 21.60
C THR A 13 18.49 -0.17 20.55
N GLN A 14 17.49 0.70 20.43
CA GLN A 14 17.52 1.83 19.52
C GLN A 14 17.06 3.06 20.26
N LYS A 15 17.70 4.20 20.01
CA LYS A 15 17.19 5.46 20.57
C LYS A 15 15.88 5.84 19.89
N LEU A 16 14.84 6.12 20.69
CA LEU A 16 13.55 6.54 20.13
C LEU A 16 13.69 7.72 19.16
N LEU A 17 14.65 8.60 19.42
N LEU A 17 14.65 8.60 19.43
CA LEU A 17 14.90 9.79 18.58
CA LEU A 17 14.98 9.78 18.62
C LEU A 17 14.99 9.44 17.09
C LEU A 17 15.12 9.48 17.12
N ILE A 18 15.49 8.25 16.76
CA ILE A 18 15.70 7.91 15.34
C ILE A 18 14.41 8.02 14.54
N HIS A 19 13.28 7.87 15.21
CA HIS A 19 11.97 8.00 14.53
C HIS A 19 11.44 9.43 14.42
N GLY A 20 12.19 10.41 14.93
CA GLY A 20 11.72 11.80 14.89
C GLY A 20 12.72 12.89 14.57
N ASP A 21 13.99 12.55 14.48
CA ASP A 21 15.05 13.56 14.31
C ASP A 21 15.17 14.03 12.86
N LYS A 22 15.04 15.35 12.65
CA LYS A 22 15.08 15.93 11.32
C LYS A 22 16.44 15.81 10.62
N GLU A 23 17.52 16.12 11.34
CA GLU A 23 18.85 16.04 10.77
C GLU A 23 19.23 14.61 10.39
N LEU A 24 18.82 13.65 11.21
CA LEU A 24 19.04 12.24 10.90
C LEU A 24 18.33 11.84 9.60
N PHE A 25 17.11 12.33 9.43
CA PHE A 25 16.40 12.08 8.18
C PHE A 25 17.22 12.53 6.95
N GLN A 26 17.72 13.77 7.01
CA GLN A 26 18.57 14.29 5.93
C GLN A 26 19.77 13.36 5.71
N HIS A 27 20.35 12.91 6.81
CA HIS A 27 21.49 11.99 6.75
C HIS A 27 21.12 10.66 6.11
N GLU A 28 19.91 10.16 6.39
CA GLU A 28 19.43 8.93 5.76
C GLU A 28 19.32 9.03 4.25
N LEU A 29 18.94 10.21 3.77
CA LEU A 29 18.84 10.41 2.32
C LEU A 29 20.20 10.24 1.66
N LYS A 30 21.27 10.60 2.40
CA LYS A 30 22.63 10.51 1.91
C LYS A 30 23.22 9.10 2.05
N THR A 31 22.78 8.36 3.07
N THR A 31 22.84 8.39 3.09
CA THR A 31 23.44 7.10 3.53
CA THR A 31 23.40 7.09 3.34
C THR A 31 22.60 5.80 3.52
C THR A 31 22.39 6.08 2.81
N ILE A 32 21.28 5.95 3.51
CA ILE A 32 20.36 4.83 3.30
C ILE A 32 19.81 4.85 1.88
N PHE A 33 19.20 5.95 1.49
CA PHE A 33 18.46 5.99 0.23
C PHE A 33 19.33 6.24 -0.98
N ALA A 34 20.52 6.82 -0.78
CA ALA A 34 21.45 7.05 -1.88
C ALA A 34 22.27 5.79 -2.21
N ARG A 35 22.23 4.80 -1.31
CA ARG A 35 23.19 3.69 -1.33
C ARG A 35 22.56 2.32 -1.56
N ASN A 36 21.32 2.16 -1.10
CA ASN A 36 20.69 0.83 -1.08
C ASN A 36 19.72 0.57 -2.23
N TRP A 37 19.32 -0.70 -2.36
CA TRP A 37 18.40 -1.10 -3.41
C TRP A 37 16.99 -0.76 -2.99
N LEU A 38 16.27 -0.11 -3.90
CA LEU A 38 14.95 0.43 -3.63
C LEU A 38 13.96 -0.12 -4.64
N PHE A 39 12.80 -0.53 -4.16
CA PHE A 39 11.84 -1.15 -5.04
C PHE A 39 11.22 -0.15 -6.01
N LEU A 40 11.17 -0.55 -7.29
CA LEU A 40 10.59 0.28 -8.35
C LEU A 40 9.23 -0.22 -8.82
N THR A 41 9.19 -1.39 -9.45
CA THR A 41 7.94 -1.92 -10.00
C THR A 41 8.13 -3.40 -10.32
N HIS A 42 7.10 -4.03 -10.89
CA HIS A 42 7.20 -5.42 -11.31
C HIS A 42 7.02 -5.44 -12.83
N ASP A 43 7.62 -6.44 -13.47
CA ASP A 43 7.46 -6.64 -14.91
C ASP A 43 6.02 -6.49 -15.35
N SER A 44 5.09 -7.03 -14.55
CA SER A 44 3.69 -7.07 -14.93
C SER A 44 3.00 -5.71 -14.93
N LEU A 45 3.66 -4.69 -14.37
CA LEU A 45 3.12 -3.32 -14.45
C LEU A 45 3.68 -2.50 -15.61
N ILE A 46 4.79 -2.95 -16.20
CA ILE A 46 5.35 -2.34 -17.41
C ILE A 46 5.64 -3.47 -18.41
N PRO A 47 4.59 -4.21 -18.80
CA PRO A 47 4.82 -5.42 -19.57
C PRO A 47 5.17 -5.21 -21.05
N SER A 48 4.92 -4.02 -21.62
CA SER A 48 5.11 -3.79 -23.06
C SER A 48 6.05 -2.63 -23.37
N PRO A 49 6.73 -2.66 -24.54
CA PRO A 49 7.65 -1.54 -24.83
C PRO A 49 6.95 -0.19 -24.76
N GLY A 50 7.58 0.74 -24.08
CA GLY A 50 7.03 2.08 -23.89
C GLY A 50 6.23 2.24 -22.63
N ASP A 51 5.84 1.13 -22.01
CA ASP A 51 5.14 1.23 -20.72
C ASP A 51 6.05 1.86 -19.69
N TYR A 52 5.50 2.72 -18.85
CA TYR A 52 6.26 3.31 -17.76
C TYR A 52 5.42 3.44 -16.51
N VAL A 53 6.11 3.50 -15.37
CA VAL A 53 5.49 3.92 -14.12
C VAL A 53 6.38 4.96 -13.47
N LYS A 54 5.76 5.83 -12.69
N LYS A 54 5.78 5.83 -12.66
CA LYS A 54 6.49 6.69 -11.81
CA LYS A 54 6.55 6.77 -11.83
C LYS A 54 6.75 5.88 -10.55
C LYS A 54 6.68 6.21 -10.44
N ALA A 55 7.92 6.07 -9.97
CA ALA A 55 8.21 5.49 -8.65
C ALA A 55 8.98 6.52 -7.85
N LYS A 56 8.98 6.36 -6.53
N LYS A 56 8.98 6.34 -6.53
CA LYS A 56 9.87 7.16 -5.68
CA LYS A 56 9.87 7.08 -5.66
C LYS A 56 11.08 6.32 -5.30
C LYS A 56 11.13 6.26 -5.47
N MET A 57 12.24 6.96 -5.22
CA MET A 57 13.45 6.35 -4.68
C MET A 57 13.90 7.30 -3.60
N GLY A 58 13.57 6.96 -2.35
CA GLY A 58 13.66 7.93 -1.26
C GLY A 58 12.69 9.06 -1.53
N VAL A 59 13.19 10.30 -1.51
CA VAL A 59 12.34 11.47 -1.77
C VAL A 59 12.31 11.86 -3.25
N ASP A 60 13.18 11.26 -4.04
CA ASP A 60 13.24 11.57 -5.46
C ASP A 60 12.25 10.75 -6.24
N GLU A 61 11.88 11.25 -7.42
CA GLU A 61 10.96 10.53 -8.27
C GLU A 61 11.63 10.14 -9.57
N VAL A 62 11.37 8.91 -10.00
CA VAL A 62 11.97 8.39 -11.21
C VAL A 62 10.88 7.88 -12.16
N ILE A 63 11.19 7.95 -13.45
CA ILE A 63 10.38 7.34 -14.49
C ILE A 63 11.03 5.98 -14.80
N VAL A 64 10.26 4.90 -14.67
CA VAL A 64 10.76 3.56 -14.91
C VAL A 64 10.14 3.07 -16.20
N SER A 65 10.97 2.82 -17.23
CA SER A 65 10.46 2.65 -18.59
C SER A 65 10.89 1.35 -19.28
N ARG A 66 9.92 0.63 -19.86
CA ARG A 66 10.24 -0.54 -20.66
C ARG A 66 10.78 -0.12 -22.03
N GLN A 67 12.02 -0.51 -22.29
CA GLN A 67 12.72 -0.15 -23.52
C GLN A 67 12.24 -0.96 -24.71
N ASN A 68 12.53 -0.49 -25.91
CA ASN A 68 12.16 -1.24 -27.10
C ASN A 68 12.81 -2.62 -27.21
N ASP A 69 13.99 -2.77 -26.61
CA ASP A 69 14.70 -4.04 -26.62
C ASP A 69 14.31 -4.98 -25.48
N GLY A 70 13.32 -4.56 -24.69
CA GLY A 70 12.80 -5.41 -23.60
C GLY A 70 13.41 -5.16 -22.24
N SER A 71 14.50 -4.37 -22.19
CA SER A 71 15.14 -4.03 -20.93
C SER A 71 14.36 -2.92 -20.23
N VAL A 72 14.80 -2.58 -19.03
CA VAL A 72 14.17 -1.53 -18.22
C VAL A 72 15.24 -0.54 -17.83
N ARG A 73 14.96 0.75 -18.04
CA ARG A 73 15.82 1.83 -17.57
C ARG A 73 14.98 2.81 -16.74
N ALA A 74 15.64 3.53 -15.84
CA ALA A 74 14.92 4.50 -14.99
C ALA A 74 15.71 5.80 -14.93
N PHE A 75 14.98 6.92 -14.84
CA PHE A 75 15.59 8.25 -14.90
C PHE A 75 14.92 9.18 -13.90
N LEU A 76 15.69 10.08 -13.31
CA LEU A 76 15.09 11.12 -12.47
C LEU A 76 14.08 11.90 -13.29
N ASN A 77 12.94 12.20 -12.68
CA ASN A 77 11.82 12.83 -13.36
C ASN A 77 11.97 14.36 -13.38
N VAL A 78 13.03 14.81 -14.04
CA VAL A 78 13.49 16.20 -13.97
C VAL A 78 14.09 16.58 -15.32
N CYS A 79 13.58 17.64 -15.91
CA CYS A 79 14.10 18.13 -17.20
C CYS A 79 15.50 18.71 -17.02
N ARG A 80 16.38 18.45 -17.98
CA ARG A 80 17.77 18.92 -17.94
C ARG A 80 17.92 20.40 -18.35
N HIS A 81 16.83 21.06 -18.71
CA HIS A 81 16.91 22.47 -19.08
C HIS A 81 16.81 23.37 -17.85
N ARG A 82 15.60 23.51 -17.29
CA ARG A 82 15.41 24.36 -16.10
C ARG A 82 14.90 23.57 -14.89
N GLY A 83 14.82 22.23 -15.01
CA GLY A 83 14.53 21.37 -13.88
C GLY A 83 13.07 21.17 -13.53
N LYS A 84 12.17 21.47 -14.46
CA LYS A 84 10.75 21.16 -14.32
C LYS A 84 10.56 19.64 -14.21
N THR A 85 9.56 19.22 -13.43
CA THR A 85 9.17 17.80 -13.43
C THR A 85 8.66 17.45 -14.82
N LEU A 86 9.11 16.30 -15.34
N LEU A 86 9.12 16.31 -15.36
CA LEU A 86 8.83 15.94 -16.71
CA LEU A 86 8.79 15.94 -16.73
C LEU A 86 7.49 15.22 -16.93
C LEU A 86 7.41 15.28 -16.88
N VAL A 87 7.19 14.25 -16.07
CA VAL A 87 6.02 13.39 -16.21
C VAL A 87 5.10 13.54 -14.99
N HIS A 88 3.81 13.74 -15.24
CA HIS A 88 2.82 13.88 -14.17
C HIS A 88 1.86 12.69 -14.02
N ALA A 89 1.74 11.86 -15.05
CA ALA A 89 0.95 10.63 -14.95
C ALA A 89 1.71 9.62 -14.08
N GLU A 90 0.97 8.77 -13.37
CA GLU A 90 1.57 7.75 -12.53
C GLU A 90 2.04 6.52 -13.30
N ALA A 91 1.41 6.30 -14.45
CA ALA A 91 1.73 5.15 -15.31
C ALA A 91 1.20 5.44 -16.70
N GLY A 92 1.79 4.82 -17.71
CA GLY A 92 1.28 4.96 -19.07
C GLY A 92 2.11 4.25 -20.09
N ASN A 93 1.90 4.62 -21.36
CA ASN A 93 2.72 4.13 -22.44
C ASN A 93 3.10 5.30 -23.33
N ALA A 94 4.40 5.42 -23.59
CA ALA A 94 4.90 6.49 -24.45
C ALA A 94 6.29 6.15 -24.98
N LYS A 95 6.58 6.57 -26.21
CA LYS A 95 7.92 6.35 -26.73
C LYS A 95 8.85 7.53 -26.41
N GLY A 96 8.31 8.53 -25.76
CA GLY A 96 9.10 9.69 -25.38
C GLY A 96 8.30 10.56 -24.43
N PHE A 97 9.01 11.54 -23.87
CA PHE A 97 8.46 12.45 -22.86
C PHE A 97 8.85 13.87 -23.20
N VAL A 98 7.84 14.72 -23.39
CA VAL A 98 8.07 16.12 -23.74
C VAL A 98 7.87 16.99 -22.51
N CYS A 99 8.80 17.90 -22.28
CA CYS A 99 8.69 18.86 -21.18
C CYS A 99 7.73 20.00 -21.52
N GLY A 100 6.75 20.22 -20.66
CA GLY A 100 5.71 21.23 -20.91
C GLY A 100 6.17 22.67 -20.79
N TYR A 101 7.39 22.88 -20.29
CA TYR A 101 7.88 24.25 -20.07
C TYR A 101 8.29 24.88 -21.41
N HIS A 102 9.35 24.36 -22.03
CA HIS A 102 9.82 24.89 -23.32
C HIS A 102 9.76 23.91 -24.47
N GLY A 103 9.43 22.65 -24.18
CA GLY A 103 9.20 21.69 -25.25
C GLY A 103 10.31 20.73 -25.61
N TRP A 104 11.35 20.64 -24.77
CA TRP A 104 12.40 19.65 -24.95
C TRP A 104 11.78 18.26 -24.94
N GLY A 105 12.17 17.43 -25.90
CA GLY A 105 11.61 16.09 -26.04
C GLY A 105 12.66 15.02 -25.85
N TYR A 106 12.37 14.11 -24.92
CA TYR A 106 13.28 13.01 -24.61
C TYR A 106 12.68 11.69 -25.07
N GLY A 107 13.53 10.76 -25.43
CA GLY A 107 13.06 9.40 -25.71
C GLY A 107 12.77 8.65 -24.43
N SER A 108 12.09 7.52 -24.57
CA SER A 108 11.90 6.60 -23.45
C SER A 108 13.24 6.02 -22.95
N ASN A 109 14.29 6.18 -23.75
CA ASN A 109 15.65 5.84 -23.33
C ASN A 109 16.41 6.98 -22.65
N GLY A 110 15.71 8.08 -22.36
CA GLY A 110 16.30 9.21 -21.64
C GLY A 110 17.07 10.19 -22.49
N GLU A 111 17.28 9.85 -23.77
CA GLU A 111 18.06 10.75 -24.63
C GLU A 111 17.29 12.00 -25.02
N LEU A 112 18.00 13.14 -25.04
CA LEU A 112 17.39 14.38 -25.53
C LEU A 112 17.34 14.31 -27.04
N GLN A 113 16.13 14.24 -27.59
CA GLN A 113 15.95 14.02 -29.03
C GLN A 113 15.57 15.29 -29.79
N SER A 114 14.70 16.10 -29.20
CA SER A 114 14.20 17.29 -29.88
C SER A 114 14.28 18.51 -29.00
N VAL A 115 14.71 19.61 -29.61
CA VAL A 115 14.84 20.88 -28.91
C VAL A 115 14.25 21.95 -29.82
N PRO A 116 13.11 22.55 -29.41
CA PRO A 116 12.53 23.60 -30.24
C PRO A 116 13.52 24.75 -30.44
N PHE A 117 13.56 25.25 -31.68
CA PHE A 117 14.49 26.31 -32.09
C PHE A 117 15.97 25.90 -32.08
N GLU A 118 16.23 24.59 -32.14
CA GLU A 118 17.61 24.12 -32.15
C GLU A 118 18.39 24.76 -33.31
N LYS A 119 17.85 24.65 -34.53
CA LYS A 119 18.53 25.17 -35.72
C LYS A 119 18.64 26.69 -35.69
N GLU A 120 17.55 27.35 -35.31
CA GLU A 120 17.44 28.80 -35.42
C GLU A 120 18.21 29.55 -34.32
N LEU A 121 18.24 28.99 -33.11
CA LEU A 121 18.77 29.72 -31.97
C LEU A 121 19.92 29.05 -31.22
N TYR A 122 19.94 27.72 -31.20
CA TYR A 122 21.00 27.00 -30.50
C TYR A 122 22.24 26.76 -31.37
N GLY A 123 22.05 26.19 -32.55
CA GLY A 123 23.17 25.75 -33.39
C GLY A 123 24.12 24.88 -32.58
N ASP A 124 25.40 25.22 -32.54
CA ASP A 124 26.29 24.40 -31.73
C ASP A 124 26.42 24.83 -30.27
N ALA A 125 25.61 25.77 -29.83
CA ALA A 125 25.56 26.10 -28.40
C ALA A 125 24.88 25.01 -27.57
N ILE A 126 24.39 23.96 -28.24
CA ILE A 126 23.79 22.81 -27.55
C ILE A 126 24.39 21.47 -28.00
N LYS A 127 24.73 20.64 -27.01
CA LYS A 127 25.14 19.25 -27.24
C LYS A 127 24.12 18.32 -26.57
N LYS A 128 23.15 17.85 -27.35
N LYS A 128 23.15 17.85 -27.35
CA LYS A 128 22.05 17.02 -26.83
CA LYS A 128 22.06 17.03 -26.82
C LYS A 128 22.53 15.75 -26.13
C LYS A 128 22.52 15.74 -26.14
N LYS A 129 23.66 15.21 -26.60
CA LYS A 129 24.25 13.99 -26.04
C LYS A 129 24.68 14.18 -24.55
N CYS A 130 24.84 15.45 -24.10
CA CYS A 130 25.25 15.78 -22.75
C CYS A 130 24.07 16.13 -21.84
N LEU A 131 22.87 16.06 -22.41
CA LEU A 131 21.68 16.56 -21.72
C LEU A 131 20.56 15.54 -21.61
N GLY A 132 20.91 14.25 -21.66
CA GLY A 132 19.95 13.18 -21.42
C GLY A 132 19.50 13.20 -19.96
N LEU A 133 18.35 12.58 -19.70
CA LEU A 133 17.86 12.52 -18.32
C LEU A 133 18.85 11.83 -17.41
N LYS A 134 18.88 12.25 -16.14
CA LYS A 134 19.80 11.65 -15.19
C LYS A 134 19.36 10.23 -14.86
N GLU A 135 20.21 9.26 -15.23
CA GLU A 135 19.82 7.85 -15.17
C GLU A 135 20.17 7.22 -13.84
N VAL A 136 19.30 6.30 -13.40
CA VAL A 136 19.58 5.44 -12.25
C VAL A 136 20.57 4.36 -12.75
N PRO A 137 21.80 4.34 -12.19
CA PRO A 137 22.86 3.53 -12.79
C PRO A 137 22.73 2.03 -12.60
N ARG A 138 21.92 1.59 -11.63
CA ARG A 138 21.79 0.17 -11.33
C ARG A 138 20.32 -0.23 -11.31
N ILE A 139 19.97 -1.19 -12.15
CA ILE A 139 18.61 -1.73 -12.25
C ILE A 139 18.71 -3.24 -12.37
N GLU A 140 18.12 -3.96 -11.41
CA GLU A 140 18.19 -5.42 -11.37
C GLU A 140 16.86 -5.96 -10.91
N SER A 141 16.62 -7.23 -11.17
N SER A 141 16.65 -7.25 -11.16
CA SER A 141 15.37 -7.81 -10.74
CA SER A 141 15.35 -7.90 -10.92
C SER A 141 15.55 -9.10 -9.97
C SER A 141 15.47 -9.19 -10.10
N PHE A 142 14.52 -9.39 -9.18
CA PHE A 142 14.39 -10.65 -8.45
C PHE A 142 13.05 -11.26 -8.86
N HIS A 143 13.08 -12.21 -9.79
CA HIS A 143 11.86 -12.87 -10.27
C HIS A 143 10.75 -11.89 -10.60
N GLY A 144 11.12 -10.89 -11.39
CA GLY A 144 10.14 -9.95 -11.93
C GLY A 144 10.05 -8.66 -11.14
N PHE A 145 10.55 -8.68 -9.90
CA PHE A 145 10.48 -7.50 -9.02
C PHE A 145 11.73 -6.67 -9.26
N ILE A 146 11.53 -5.45 -9.75
CA ILE A 146 12.62 -4.62 -10.24
C ILE A 146 13.00 -3.58 -9.19
N TYR A 147 14.29 -3.52 -8.88
CA TYR A 147 14.85 -2.58 -7.91
C TYR A 147 15.85 -1.66 -8.60
N GLY A 148 16.03 -0.48 -8.02
CA GLY A 148 16.99 0.49 -8.50
C GLY A 148 17.96 0.90 -7.40
N CYS A 149 19.12 1.37 -7.79
CA CYS A 149 20.09 1.86 -6.83
C CYS A 149 20.85 3.04 -7.40
N PHE A 150 20.97 4.13 -6.62
CA PHE A 150 21.71 5.30 -7.06
C PHE A 150 23.23 5.09 -7.02
N ASP A 151 23.68 4.10 -6.27
CA ASP A 151 25.12 3.88 -6.05
C ASP A 151 25.63 2.73 -6.93
N ALA A 152 26.44 3.10 -7.94
CA ALA A 152 27.01 2.11 -8.85
C ALA A 152 27.84 1.04 -8.14
N GLU A 153 28.30 1.33 -6.92
CA GLU A 153 29.13 0.39 -6.14
C GLU A 153 28.38 -0.68 -5.33
N ALA A 154 27.04 -0.66 -5.39
CA ALA A 154 26.24 -1.59 -4.59
C ALA A 154 26.48 -3.05 -4.98
N PRO A 155 26.29 -3.97 -4.02
CA PRO A 155 26.38 -5.38 -4.40
C PRO A 155 25.26 -5.73 -5.39
N PRO A 156 25.43 -6.79 -6.19
CA PRO A 156 24.31 -7.28 -6.99
C PRO A 156 23.09 -7.53 -6.10
N LEU A 157 21.90 -7.26 -6.63
CA LEU A 157 20.65 -7.45 -5.89
C LEU A 157 20.55 -8.83 -5.23
N ILE A 158 20.90 -9.88 -5.95
CA ILE A 158 20.81 -11.21 -5.36
C ILE A 158 21.70 -11.39 -4.12
N ASP A 159 22.92 -10.84 -4.17
CA ASP A 159 23.82 -10.86 -3.03
C ASP A 159 23.29 -10.03 -1.86
N TYR A 160 22.69 -8.90 -2.21
CA TYR A 160 22.09 -8.00 -1.23
C TYR A 160 20.95 -8.67 -0.47
N LEU A 161 20.18 -9.53 -1.14
CA LEU A 161 19.11 -10.26 -0.47
C LEU A 161 19.70 -11.31 0.45
N GLY A 162 20.91 -11.76 0.14
CA GLY A 162 21.64 -12.64 1.04
C GLY A 162 20.82 -13.86 1.42
N ASP A 163 20.82 -14.19 2.70
CA ASP A 163 20.15 -15.40 3.18
C ASP A 163 18.62 -15.29 3.10
N ALA A 164 18.11 -14.07 2.93
CA ALA A 164 16.66 -13.88 2.79
C ALA A 164 16.11 -14.51 1.52
N ALA A 165 16.92 -14.56 0.45
CA ALA A 165 16.44 -15.07 -0.84
C ALA A 165 15.90 -16.51 -0.74
N TRP A 166 16.61 -17.34 0.02
CA TRP A 166 16.21 -18.73 0.21
C TRP A 166 14.77 -18.84 0.72
N TYR A 167 14.40 -17.95 1.65
CA TYR A 167 13.05 -17.97 2.21
C TYR A 167 12.00 -17.46 1.23
N LEU A 168 12.41 -16.52 0.37
CA LEU A 168 11.50 -15.94 -0.61
C LEU A 168 11.24 -16.87 -1.79
N GLU A 169 12.20 -17.73 -2.13
CA GLU A 169 12.10 -18.49 -3.38
C GLU A 169 10.87 -19.39 -3.55
N PRO A 170 10.42 -20.10 -2.48
CA PRO A 170 9.22 -20.93 -2.73
C PRO A 170 8.04 -20.16 -3.33
N THR A 171 7.69 -19.00 -2.78
CA THR A 171 6.65 -18.14 -3.37
C THR A 171 7.10 -17.36 -4.61
N PHE A 172 8.30 -16.79 -4.57
CA PHE A 172 8.72 -15.85 -5.61
C PHE A 172 9.29 -16.53 -6.85
N LYS A 173 9.96 -17.67 -6.65
CA LYS A 173 10.67 -18.35 -7.74
C LYS A 173 9.97 -19.62 -8.22
N TYR A 174 9.55 -20.47 -7.28
CA TYR A 174 9.16 -21.85 -7.60
C TYR A 174 7.67 -22.04 -7.86
N SER A 175 6.87 -21.01 -7.58
CA SER A 175 5.41 -21.13 -7.66
C SER A 175 4.83 -20.90 -9.07
N GLY A 176 5.70 -20.64 -10.05
CA GLY A 176 5.26 -20.46 -11.44
C GLY A 176 5.12 -19.02 -11.93
N GLY A 177 5.61 -18.08 -11.11
CA GLY A 177 5.58 -16.65 -11.45
C GLY A 177 4.51 -15.92 -10.66
N LEU A 178 4.81 -14.67 -10.29
CA LEU A 178 3.83 -13.80 -9.64
C LEU A 178 3.45 -12.63 -10.56
N GLU A 179 2.34 -11.98 -10.24
CA GLU A 179 1.96 -10.74 -10.89
C GLU A 179 1.72 -9.74 -9.78
N LEU A 180 2.20 -8.51 -9.96
CA LEU A 180 1.88 -7.44 -9.00
C LEU A 180 0.64 -6.75 -9.53
N VAL A 181 -0.37 -6.62 -8.68
CA VAL A 181 -1.64 -6.05 -9.13
C VAL A 181 -1.69 -4.59 -8.78
N GLY A 182 -1.79 -3.76 -9.82
CA GLY A 182 -1.90 -2.33 -9.64
C GLY A 182 -3.31 -1.87 -9.88
N PRO A 183 -3.58 -0.58 -9.63
CA PRO A 183 -2.62 0.36 -9.04
C PRO A 183 -2.53 0.13 -7.54
N PRO A 184 -1.46 0.64 -6.91
CA PRO A 184 -1.39 0.49 -5.46
C PRO A 184 -2.32 1.46 -4.77
N GLY A 185 -2.80 1.07 -3.60
CA GLY A 185 -3.32 2.05 -2.64
C GLY A 185 -2.21 2.99 -2.20
N LYS A 186 -2.55 4.27 -2.03
CA LYS A 186 -1.58 5.26 -1.56
C LYS A 186 -2.24 6.14 -0.52
N VAL A 187 -1.54 6.37 0.59
CA VAL A 187 -2.05 7.27 1.65
C VAL A 187 -0.86 7.81 2.43
N VAL A 188 -1.00 9.01 3.00
CA VAL A 188 0.06 9.59 3.82
C VAL A 188 -0.25 9.39 5.30
N VAL A 189 0.76 8.88 6.03
CA VAL A 189 0.65 8.56 7.44
C VAL A 189 1.73 9.37 8.18
N LYS A 190 1.38 9.91 9.35
CA LYS A 190 2.30 10.78 10.09
C LYS A 190 3.23 9.97 10.97
N ALA A 191 4.03 9.14 10.31
CA ALA A 191 4.96 8.26 11.00
C ALA A 191 6.25 8.20 10.19
N ASN A 192 7.34 7.88 10.88
CA ASN A 192 8.63 7.69 10.24
C ASN A 192 8.62 6.39 9.45
N TRP A 193 9.30 6.38 8.30
CA TRP A 193 9.37 5.18 7.47
C TRP A 193 9.88 3.94 8.24
N LYS A 194 10.76 4.14 9.22
CA LYS A 194 11.34 3.02 9.97
C LYS A 194 10.33 2.32 10.86
N SER A 195 9.31 3.06 11.30
N SER A 195 9.33 3.07 11.33
CA SER A 195 8.30 2.49 12.18
CA SER A 195 8.31 2.47 12.19
C SER A 195 7.52 1.38 11.47
C SER A 195 7.59 1.34 11.46
N PHE A 196 7.23 1.58 10.19
CA PHE A 196 6.59 0.55 9.38
C PHE A 196 7.56 -0.58 9.05
N ALA A 197 8.80 -0.20 8.72
CA ALA A 197 9.80 -1.18 8.33
C ALA A 197 10.07 -2.18 9.44
N GLU A 198 10.17 -1.70 10.68
CA GLU A 198 10.39 -2.62 11.83
C GLU A 198 9.17 -3.49 12.13
N ASN A 199 7.98 -2.91 12.02
CA ASN A 199 6.77 -3.69 12.23
C ASN A 199 6.68 -4.85 11.23
N PHE A 200 6.94 -4.58 9.95
CA PHE A 200 6.83 -5.65 8.96
C PHE A 200 8.01 -6.62 8.97
N VAL A 201 9.17 -6.17 9.42
CA VAL A 201 10.34 -7.07 9.38
C VAL A 201 10.19 -8.23 10.37
N GLY A 202 9.47 -8.01 11.46
CA GLY A 202 9.46 -9.02 12.51
C GLY A 202 8.39 -8.98 13.57
N ASP A 203 7.37 -8.13 13.40
CA ASP A 203 6.40 -7.97 14.50
C ASP A 203 5.25 -8.99 14.53
N GLY A 204 5.57 -10.25 14.75
CA GLY A 204 4.54 -11.25 15.05
C GLY A 204 3.85 -10.96 16.38
N TYR A 205 4.60 -10.34 17.30
CA TYR A 205 4.14 -10.05 18.67
C TYR A 205 2.90 -9.14 18.72
N HIS A 206 2.76 -8.23 17.75
CA HIS A 206 1.67 -7.24 17.81
C HIS A 206 0.33 -7.80 17.38
N VAL A 207 0.36 -8.82 16.53
CA VAL A 207 -0.84 -9.29 15.85
C VAL A 207 -1.98 -9.60 16.82
N GLY A 208 -1.70 -10.44 17.82
CA GLY A 208 -2.72 -10.88 18.79
C GLY A 208 -3.28 -9.77 19.68
N TRP A 209 -2.49 -8.71 19.85
CA TRP A 209 -2.88 -7.60 20.74
C TRP A 209 -3.46 -6.42 19.97
N THR A 210 -2.65 -5.79 19.12
CA THR A 210 -3.10 -4.66 18.31
C THR A 210 -4.37 -5.01 17.52
N HIS A 211 -4.39 -6.21 16.94
CA HIS A 211 -5.46 -6.60 16.01
C HIS A 211 -6.49 -7.54 16.66
N ALA A 212 -6.55 -7.54 18.00
CA ALA A 212 -7.51 -8.40 18.69
C ALA A 212 -8.95 -8.31 18.13
N ALA A 213 -9.42 -7.07 17.94
CA ALA A 213 -10.79 -6.86 17.45
C ALA A 213 -10.93 -7.35 16.01
N ALA A 214 -9.93 -7.08 15.18
CA ALA A 214 -9.94 -7.52 13.79
C ALA A 214 -9.94 -9.06 13.68
N LEU A 215 -9.21 -9.71 14.59
CA LEU A 215 -9.19 -11.18 14.61
C LEU A 215 -10.57 -11.73 14.95
N ARG A 216 -11.19 -11.14 15.98
CA ARG A 216 -12.53 -11.59 16.37
C ARG A 216 -13.53 -11.41 15.25
N ALA A 217 -13.44 -10.25 14.57
CA ALA A 217 -14.43 -9.89 13.57
C ALA A 217 -14.30 -10.71 12.29
N GLY A 218 -13.07 -10.84 11.80
CA GLY A 218 -12.84 -11.49 10.51
C GLY A 218 -12.53 -12.96 10.60
N GLN A 219 -12.13 -13.43 11.79
CA GLN A 219 -11.79 -14.84 12.01
C GLN A 219 -10.61 -15.33 11.13
N SER A 220 -9.64 -14.46 10.90
CA SER A 220 -8.37 -14.82 10.30
C SER A 220 -7.76 -16.00 11.04
N VAL A 221 -6.93 -16.76 10.33
N VAL A 221 -6.92 -16.77 10.34
CA VAL A 221 -6.20 -17.88 10.91
CA VAL A 221 -6.19 -17.88 10.94
C VAL A 221 -5.34 -17.44 12.11
C VAL A 221 -5.31 -17.44 12.10
N PHE A 222 -4.95 -16.15 12.11
CA PHE A 222 -4.19 -15.58 13.22
C PHE A 222 -4.96 -15.48 14.54
N SER A 223 -6.24 -15.87 14.52
N SER A 223 -6.24 -15.86 14.53
CA SER A 223 -7.03 -15.90 15.77
CA SER A 223 -7.02 -15.89 15.77
C SER A 223 -6.39 -16.82 16.82
C SER A 223 -6.41 -16.83 16.82
N SER A 224 -5.54 -17.74 16.38
CA SER A 224 -4.83 -18.64 17.32
C SER A 224 -3.99 -17.89 18.34
N ILE A 225 -3.48 -16.71 17.96
CA ILE A 225 -2.60 -15.94 18.84
C ILE A 225 -3.31 -14.73 19.46
N ALA A 226 -4.63 -14.68 19.30
CA ALA A 226 -5.44 -13.61 19.85
C ALA A 226 -5.14 -13.40 21.34
N GLY A 227 -4.98 -12.13 21.73
CA GLY A 227 -4.71 -11.76 23.12
C GLY A 227 -3.30 -12.11 23.59
N ASN A 228 -2.47 -12.54 22.66
CA ASN A 228 -1.12 -13.06 23.00
C ASN A 228 -1.16 -14.09 24.13
N ALA A 229 -2.19 -14.94 24.09
CA ALA A 229 -2.45 -15.91 25.15
C ALA A 229 -1.75 -17.24 24.91
N LYS A 230 -1.77 -17.70 23.66
CA LYS A 230 -1.13 -18.94 23.26
C LYS A 230 -0.36 -18.81 21.97
N LEU A 231 0.72 -19.57 21.85
CA LEU A 231 1.46 -19.68 20.59
C LEU A 231 0.64 -20.47 19.59
N PRO A 232 0.95 -20.34 18.28
CA PRO A 232 0.19 -21.11 17.29
C PRO A 232 0.31 -22.62 17.54
N PRO A 233 -0.79 -23.37 17.34
CA PRO A 233 -0.73 -24.84 17.49
C PRO A 233 0.28 -25.50 16.55
N GLU A 234 0.63 -24.81 15.46
CA GLU A 234 1.58 -25.30 14.48
C GLU A 234 3.03 -25.17 14.97
N GLY A 235 3.23 -24.40 16.05
CA GLY A 235 4.56 -24.10 16.56
C GLY A 235 4.84 -22.61 16.54
N ALA A 236 5.94 -22.20 17.17
CA ALA A 236 6.28 -20.79 17.30
C ALA A 236 6.70 -20.14 15.98
N GLY A 237 6.98 -20.96 14.97
CA GLY A 237 7.49 -20.49 13.67
C GLY A 237 8.97 -20.15 13.71
N LEU A 238 9.41 -19.31 12.77
CA LEU A 238 10.81 -18.92 12.63
C LEU A 238 10.91 -17.43 12.40
N GLN A 239 12.09 -16.87 12.66
CA GLN A 239 12.43 -15.54 12.19
C GLN A 239 13.88 -15.54 11.77
N MET A 240 14.19 -14.79 10.72
CA MET A 240 15.55 -14.75 10.23
C MET A 240 15.96 -13.33 9.88
N THR A 241 17.28 -13.12 9.84
CA THR A 241 17.83 -11.89 9.32
C THR A 241 19.11 -12.19 8.52
N SER A 242 19.63 -11.17 7.85
CA SER A 242 20.66 -11.33 6.84
C SER A 242 21.64 -10.17 6.91
N LYS A 243 22.76 -10.31 6.21
CA LYS A 243 23.85 -9.36 6.29
C LYS A 243 23.46 -7.92 5.94
N TYR A 244 22.67 -7.77 4.87
CA TYR A 244 22.36 -6.43 4.38
C TYR A 244 21.04 -5.90 4.95
N GLY A 245 20.51 -6.59 5.97
CA GLY A 245 19.43 -6.04 6.78
C GLY A 245 18.03 -6.57 6.55
N SER A 246 17.81 -7.24 5.43
CA SER A 246 16.52 -7.86 5.14
C SER A 246 16.26 -9.02 6.09
N GLY A 247 15.01 -9.19 6.47
CA GLY A 247 14.64 -10.24 7.39
C GLY A 247 13.16 -10.50 7.32
N MET A 248 12.72 -11.57 7.97
CA MET A 248 11.30 -11.93 7.95
C MET A 248 10.99 -12.97 8.99
N GLY A 249 9.71 -13.07 9.32
CA GLY A 249 9.20 -14.18 10.11
C GLY A 249 8.40 -15.15 9.26
N VAL A 250 8.26 -16.38 9.78
CA VAL A 250 7.49 -17.46 9.17
C VAL A 250 6.50 -18.02 10.20
N PHE A 251 5.21 -17.91 9.87
CA PHE A 251 4.15 -18.56 10.64
C PHE A 251 3.68 -19.74 9.80
N TRP A 252 3.98 -20.95 10.27
CA TRP A 252 3.73 -22.15 9.47
C TRP A 252 2.28 -22.31 9.06
N GLY A 253 2.09 -22.55 7.76
CA GLY A 253 0.82 -22.98 7.22
C GLY A 253 -0.25 -21.92 7.00
N TYR A 254 0.04 -20.69 7.43
CA TYR A 254 -0.97 -19.62 7.46
C TYR A 254 -1.12 -18.89 6.11
N TYR A 255 -1.42 -19.66 5.07
CA TYR A 255 -1.50 -19.16 3.70
C TYR A 255 -2.54 -18.06 3.48
N SER A 256 -3.58 -18.02 4.31
CA SER A 256 -4.61 -16.99 4.18
C SER A 256 -4.28 -15.72 4.98
N GLY A 257 -3.24 -15.77 5.80
CA GLY A 257 -2.74 -14.56 6.50
C GLY A 257 -3.79 -13.73 7.20
N ASN A 258 -3.77 -12.42 6.90
CA ASN A 258 -4.70 -11.48 7.55
C ASN A 258 -6.06 -11.40 6.87
N PHE A 259 -6.35 -12.33 5.97
CA PHE A 259 -7.66 -12.35 5.31
C PHE A 259 -8.75 -12.93 6.22
N SER A 260 -9.99 -12.49 5.99
CA SER A 260 -11.12 -12.97 6.77
C SER A 260 -11.60 -14.35 6.34
N ALA A 261 -12.52 -14.91 7.11
CA ALA A 261 -12.99 -16.28 6.91
C ALA A 261 -13.51 -16.57 5.50
N ASP A 262 -14.07 -15.56 4.84
CA ASP A 262 -14.63 -15.79 3.52
C ASP A 262 -13.58 -16.09 2.44
N MET A 263 -12.32 -15.77 2.73
CA MET A 263 -11.22 -16.03 1.81
C MET A 263 -10.52 -17.36 2.08
N ILE A 264 -10.68 -17.87 3.31
CA ILE A 264 -9.86 -19.01 3.76
C ILE A 264 -10.03 -20.33 2.98
N PRO A 265 -11.26 -20.84 2.84
CA PRO A 265 -11.37 -22.16 2.18
C PRO A 265 -10.76 -22.21 0.79
N ASP A 266 -11.11 -21.25 -0.07
CA ASP A 266 -10.63 -21.25 -1.46
C ASP A 266 -9.12 -21.06 -1.54
N LEU A 267 -8.58 -20.15 -0.74
CA LEU A 267 -7.13 -19.92 -0.76
C LEU A 267 -6.38 -21.11 -0.24
N MET A 268 -6.81 -21.63 0.91
CA MET A 268 -6.16 -22.82 1.49
C MET A 268 -6.14 -24.00 0.54
N ALA A 269 -7.23 -24.22 -0.19
CA ALA A 269 -7.31 -25.31 -1.17
C ALA A 269 -6.32 -25.10 -2.31
N PHE A 270 -6.19 -23.86 -2.78
CA PHE A 270 -5.26 -23.56 -3.86
C PHE A 270 -3.82 -23.81 -3.41
N GLY A 271 -3.47 -23.30 -2.23
CA GLY A 271 -2.13 -23.45 -1.69
C GLY A 271 -1.76 -24.89 -1.36
N ALA A 272 -2.70 -25.63 -0.78
CA ALA A 272 -2.45 -27.04 -0.45
C ALA A 272 -2.21 -27.87 -1.71
N ALA A 273 -2.92 -27.56 -2.78
CA ALA A 273 -2.78 -28.29 -4.04
C ALA A 273 -1.40 -28.05 -4.65
N LYS A 274 -0.96 -26.79 -4.70
CA LYS A 274 0.36 -26.51 -5.26
C LYS A 274 1.48 -27.00 -4.33
N GLN A 275 1.23 -26.98 -3.03
CA GLN A 275 2.20 -27.49 -2.06
C GLN A 275 2.57 -28.96 -2.36
N GLU A 276 1.55 -29.74 -2.69
CA GLU A 276 1.75 -31.17 -2.99
C GLU A 276 2.65 -31.37 -4.21
N LYS A 277 2.43 -30.55 -5.24
CA LYS A 277 3.28 -30.57 -6.44
C LYS A 277 4.69 -30.09 -6.12
N LEU A 278 4.80 -28.98 -5.39
CA LEU A 278 6.09 -28.37 -5.05
C LEU A 278 6.99 -29.24 -4.19
N ALA A 279 6.40 -30.03 -3.30
CA ALA A 279 7.16 -30.92 -2.42
C ALA A 279 8.07 -31.85 -3.22
N LYS A 280 7.61 -32.27 -4.36
CA LYS A 280 8.40 -33.18 -5.18
C LYS A 280 9.62 -32.47 -5.87
N GLU A 281 9.50 -31.14 -6.07
CA GLU A 281 10.53 -30.33 -6.75
C GLU A 281 11.53 -29.71 -5.79
N ILE A 282 11.04 -29.20 -4.65
CA ILE A 282 11.89 -28.46 -3.72
C ILE A 282 11.90 -29.01 -2.29
N GLY A 283 11.16 -30.09 -2.05
CA GLY A 283 11.18 -30.75 -0.75
C GLY A 283 10.05 -30.32 0.17
N ASP A 284 9.80 -31.11 1.21
CA ASP A 284 8.68 -30.87 2.12
C ASP A 284 8.74 -29.53 2.85
N VAL A 285 9.89 -29.23 3.46
CA VAL A 285 10.00 -28.01 4.26
C VAL A 285 9.73 -26.78 3.38
N ARG A 286 10.40 -26.71 2.24
CA ARG A 286 10.28 -25.52 1.41
C ARG A 286 8.91 -25.41 0.75
N ALA A 287 8.30 -26.55 0.44
CA ALA A 287 6.91 -26.57 -0.05
C ALA A 287 5.96 -26.05 1.03
N ARG A 288 6.27 -26.34 2.30
CA ARG A 288 5.46 -25.81 3.39
C ARG A 288 5.64 -24.29 3.53
N ILE A 289 6.88 -23.81 3.38
CA ILE A 289 7.16 -22.38 3.38
C ILE A 289 6.32 -21.67 2.31
N TYR A 290 6.22 -22.27 1.13
CA TYR A 290 5.39 -21.77 0.03
C TYR A 290 3.97 -21.41 0.49
N ARG A 291 3.38 -22.26 1.33
CA ARG A 291 2.01 -22.00 1.82
C ARG A 291 1.96 -21.55 3.28
N SER A 292 3.04 -20.92 3.74
CA SER A 292 3.09 -20.29 5.05
C SER A 292 3.00 -18.78 4.91
N PHE A 293 2.85 -18.10 6.04
CA PHE A 293 2.80 -16.65 6.09
C PHE A 293 4.17 -16.13 6.45
N LEU A 294 4.76 -15.38 5.53
CA LEU A 294 6.02 -14.68 5.77
C LEU A 294 5.73 -13.20 5.86
N ASN A 295 6.23 -12.56 6.91
CA ASN A 295 6.17 -11.10 7.00
C ASN A 295 7.59 -10.60 7.02
N GLY A 296 7.94 -9.68 6.13
CA GLY A 296 9.31 -9.24 6.09
C GLY A 296 9.54 -7.86 5.52
N THR A 297 10.79 -7.44 5.59
CA THR A 297 11.21 -6.21 4.98
C THR A 297 12.47 -6.46 4.18
N ILE A 298 12.43 -6.07 2.91
N ILE A 298 12.41 -6.11 2.90
CA ILE A 298 13.61 -5.99 2.07
CA ILE A 298 13.60 -5.97 2.07
C ILE A 298 14.23 -4.61 2.28
C ILE A 298 14.16 -4.59 2.40
N PHE A 299 15.35 -4.59 3.00
CA PHE A 299 15.99 -3.35 3.44
C PHE A 299 16.12 -2.36 2.27
N PRO A 300 15.88 -1.07 2.51
CA PRO A 300 15.41 -0.46 3.76
C PRO A 300 13.89 -0.38 3.96
N ASN A 301 13.14 -0.18 2.88
CA ASN A 301 11.77 0.33 3.01
C ASN A 301 10.74 -0.34 2.13
N ASN A 302 10.99 -1.59 1.76
CA ASN A 302 10.06 -2.40 0.99
C ASN A 302 9.67 -3.58 1.86
N SER A 303 8.39 -3.75 2.14
CA SER A 303 7.92 -4.84 2.98
C SER A 303 6.93 -5.70 2.22
N PHE A 304 6.67 -6.89 2.76
CA PHE A 304 5.80 -7.84 2.09
C PHE A 304 5.18 -8.78 3.11
N LEU A 305 4.04 -9.32 2.74
CA LEU A 305 3.44 -10.47 3.38
C LEU A 305 3.22 -11.51 2.29
N THR A 306 3.58 -12.76 2.56
CA THR A 306 3.12 -13.82 1.68
C THR A 306 1.81 -14.40 2.23
N GLY A 307 1.08 -15.13 1.39
CA GLY A 307 -0.17 -15.74 1.83
C GLY A 307 -1.28 -14.73 1.63
N SER A 308 -1.45 -13.84 2.61
N SER A 308 -1.40 -13.79 2.57
CA SER A 308 -2.23 -12.63 2.38
CA SER A 308 -2.27 -12.61 2.37
C SER A 308 -1.31 -11.66 1.64
C SER A 308 -1.50 -11.56 1.57
N ALA A 309 -1.08 -12.00 0.39
CA ALA A 309 -0.09 -11.42 -0.54
C ALA A 309 -0.05 -9.89 -0.71
N ALA A 310 0.80 -9.24 0.04
CA ALA A 310 0.92 -7.80 0.01
C ALA A 310 2.34 -7.37 -0.29
N PHE A 311 2.47 -6.24 -0.96
CA PHE A 311 3.77 -5.69 -1.28
C PHE A 311 3.71 -4.21 -0.99
N ARG A 312 4.61 -3.72 -0.14
CA ARG A 312 4.48 -2.37 0.41
C ARG A 312 5.73 -1.58 0.23
N VAL A 313 5.57 -0.27 0.03
CA VAL A 313 6.70 0.64 0.02
C VAL A 313 6.40 1.77 0.99
N TRP A 314 7.37 2.04 1.88
CA TRP A 314 7.26 3.11 2.86
C TRP A 314 8.07 4.28 2.29
N ASN A 315 7.42 5.12 1.50
CA ASN A 315 8.13 6.20 0.83
C ASN A 315 8.33 7.40 1.75
N PRO A 316 9.59 7.72 2.07
CA PRO A 316 9.78 8.81 3.04
C PRO A 316 9.43 10.19 2.45
N ILE A 317 8.76 11.01 3.26
N ILE A 317 8.74 11.01 3.24
CA ILE A 317 8.43 12.38 2.89
CA ILE A 317 8.51 12.40 2.85
C ILE A 317 9.23 13.34 3.76
C ILE A 317 9.34 13.28 3.77
N ASP A 318 9.15 13.13 5.07
CA ASP A 318 10.05 13.74 6.05
C ASP A 318 10.17 12.85 7.30
N GLU A 319 10.82 13.34 8.35
CA GLU A 319 11.03 12.49 9.53
C GLU A 319 9.77 12.00 10.24
N ASN A 320 8.63 12.66 9.99
CA ASN A 320 7.38 12.25 10.63
C ASN A 320 6.28 12.03 9.59
N THR A 321 6.67 11.79 8.34
CA THR A 321 5.68 11.66 7.26
C THR A 321 6.12 10.63 6.24
N THR A 322 5.22 9.69 5.92
CA THR A 322 5.50 8.61 4.96
C THR A 322 4.33 8.44 4.02
N GLU A 323 4.63 8.28 2.74
CA GLU A 323 3.64 7.97 1.71
C GLU A 323 3.65 6.46 1.56
N VAL A 324 2.57 5.82 2.02
CA VAL A 324 2.50 4.37 2.09
C VAL A 324 1.85 3.81 0.83
N TRP A 325 2.58 2.94 0.11
CA TRP A 325 2.03 2.28 -1.08
C TRP A 325 1.69 0.82 -0.74
N THR A 326 0.53 0.35 -1.19
CA THR A 326 0.08 -1.03 -0.96
C THR A 326 -0.36 -1.70 -2.24
N TYR A 327 0.37 -2.74 -2.66
CA TYR A 327 -0.02 -3.58 -3.77
C TYR A 327 -0.45 -4.93 -3.24
N ALA A 328 -1.25 -5.63 -4.04
CA ALA A 328 -1.41 -7.06 -3.86
C ALA A 328 -0.55 -7.76 -4.89
N PHE A 329 -0.12 -8.96 -4.55
CA PHE A 329 0.42 -9.84 -5.60
C PHE A 329 -0.32 -11.15 -5.65
N VAL A 330 -0.28 -11.77 -6.82
CA VAL A 330 -0.97 -13.03 -7.04
C VAL A 330 -0.04 -14.00 -7.76
N GLU A 331 -0.33 -15.29 -7.62
CA GLU A 331 0.37 -16.30 -8.40
C GLU A 331 -0.29 -16.34 -9.76
N LYS A 332 0.53 -16.27 -10.84
CA LYS A 332 0.04 -16.18 -12.21
C LYS A 332 -0.99 -17.23 -12.60
N ASP A 333 -0.87 -18.43 -12.03
CA ASP A 333 -1.77 -19.53 -12.40
C ASP A 333 -3.02 -19.65 -11.53
N MET A 334 -3.25 -18.67 -10.66
CA MET A 334 -4.52 -18.59 -9.95
C MET A 334 -5.65 -18.30 -10.93
N PRO A 335 -6.85 -18.85 -10.68
CA PRO A 335 -7.99 -18.42 -11.51
C PRO A 335 -8.18 -16.92 -11.39
N GLU A 336 -8.64 -16.28 -12.47
N GLU A 336 -8.63 -16.28 -12.48
CA GLU A 336 -8.77 -14.83 -12.51
CA GLU A 336 -8.79 -14.83 -12.52
C GLU A 336 -9.69 -14.28 -11.42
C GLU A 336 -9.67 -14.30 -11.39
N ASP A 337 -10.76 -15.00 -11.11
CA ASP A 337 -11.68 -14.58 -10.03
C ASP A 337 -10.98 -14.56 -8.67
N LEU A 338 -10.13 -15.57 -8.42
CA LEU A 338 -9.38 -15.62 -7.18
C LEU A 338 -8.37 -14.47 -7.12
N LYS A 339 -7.71 -14.18 -8.24
CA LYS A 339 -6.83 -13.02 -8.31
C LYS A 339 -7.53 -11.73 -7.90
N ARG A 340 -8.74 -11.51 -8.43
CA ARG A 340 -9.49 -10.31 -8.07
C ARG A 340 -9.88 -10.27 -6.60
N ARG A 341 -10.29 -11.41 -6.07
CA ARG A 341 -10.65 -11.50 -4.67
C ARG A 341 -9.44 -11.21 -3.78
N VAL A 342 -8.28 -11.76 -4.13
CA VAL A 342 -7.04 -11.47 -3.38
C VAL A 342 -6.68 -9.99 -3.42
N ALA A 343 -6.75 -9.37 -4.60
CA ALA A 343 -6.43 -7.94 -4.74
C ALA A 343 -7.30 -7.08 -3.85
N ASP A 344 -8.60 -7.35 -3.82
CA ASP A 344 -9.50 -6.61 -2.94
C ASP A 344 -9.25 -6.91 -1.46
N ALA A 345 -8.96 -8.17 -1.13
CA ALA A 345 -8.77 -8.56 0.26
C ALA A 345 -7.51 -7.93 0.87
N VAL A 346 -6.48 -7.74 0.06
CA VAL A 346 -5.31 -7.02 0.54
C VAL A 346 -5.68 -5.60 0.97
N GLN A 347 -6.40 -4.87 0.12
CA GLN A 347 -6.77 -3.49 0.49
C GLN A 347 -7.70 -3.47 1.70
N ARG A 348 -8.55 -4.48 1.77
CA ARG A 348 -9.53 -4.59 2.85
C ARG A 348 -8.88 -4.71 4.22
N SER A 349 -7.74 -5.41 4.29
CA SER A 349 -7.02 -5.51 5.56
C SER A 349 -6.03 -4.38 5.77
N ILE A 350 -5.19 -4.11 4.77
CA ILE A 350 -4.06 -3.21 5.01
C ILE A 350 -3.92 -2.02 4.05
N GLY A 351 -4.89 -1.81 3.16
CA GLY A 351 -4.86 -0.62 2.29
C GLY A 351 -5.27 0.64 3.04
N PRO A 352 -5.43 1.74 2.30
CA PRO A 352 -5.80 3.02 2.92
C PRO A 352 -7.08 2.94 3.77
N ALA A 353 -8.03 2.10 3.38
CA ALA A 353 -9.24 1.87 4.20
C ALA A 353 -9.22 0.48 4.85
N GLY A 354 -8.02 -0.04 5.11
CA GLY A 354 -7.90 -1.39 5.66
C GLY A 354 -8.24 -1.41 7.15
N PHE A 355 -9.03 -2.40 7.57
CA PHE A 355 -9.44 -2.39 8.98
C PHE A 355 -8.36 -2.87 9.93
N TRP A 356 -7.38 -3.63 9.43
CA TRP A 356 -6.21 -3.94 10.24
C TRP A 356 -5.27 -2.75 10.28
N GLU A 357 -4.89 -2.23 9.10
CA GLU A 357 -3.93 -1.14 9.02
C GLU A 357 -4.33 0.07 9.87
N SER A 358 -5.63 0.33 9.97
N SER A 358 -5.63 0.31 10.01
CA SER A 358 -6.11 1.42 10.82
CA SER A 358 -6.13 1.42 10.82
C SER A 358 -5.57 1.24 12.23
C SER A 358 -5.79 1.26 12.31
N ASP A 359 -5.68 0.02 12.76
CA ASP A 359 -5.23 -0.30 14.14
C ASP A 359 -3.80 0.18 14.30
N ASP A 360 -3.00 -0.04 13.25
CA ASP A 360 -1.55 0.22 13.30
C ASP A 360 -1.17 1.68 13.33
N ASN A 361 -2.01 2.54 12.76
CA ASN A 361 -1.71 3.97 12.65
C ASN A 361 -1.14 4.52 13.95
N GLU A 362 -1.87 4.34 15.05
CA GLU A 362 -1.46 4.97 16.31
C GLU A 362 -0.21 4.37 16.90
N ASN A 363 0.06 3.10 16.62
CA ASN A 363 1.34 2.49 17.01
C ASN A 363 2.49 3.23 16.34
N MET A 364 2.41 3.34 15.01
CA MET A 364 3.46 3.94 14.19
C MET A 364 3.60 5.43 14.46
N GLU A 365 2.47 6.13 14.44
CA GLU A 365 2.51 7.58 14.52
C GLU A 365 2.99 8.11 15.85
N THR A 366 2.50 7.48 16.96
N THR A 366 2.66 7.45 16.87
CA THR A 366 2.89 7.98 18.28
CA THR A 366 2.80 7.89 18.24
C THR A 366 4.34 7.62 18.62
C THR A 366 4.18 7.55 18.77
N MET A 367 4.80 6.44 18.19
CA MET A 367 6.21 6.11 18.33
C MET A 367 7.07 7.22 17.67
N SER A 368 6.69 7.59 16.44
CA SER A 368 7.45 8.60 15.70
C SER A 368 7.36 9.97 16.35
N GLN A 369 6.17 10.34 16.83
CA GLN A 369 6.00 11.65 17.47
C GLN A 369 6.74 11.73 18.79
N ASN A 370 6.77 10.63 19.52
CA ASN A 370 7.55 10.58 20.77
C ASN A 370 9.05 10.73 20.51
N GLY A 371 9.52 10.24 19.35
CA GLY A 371 10.92 10.43 18.96
C GLY A 371 11.30 11.88 18.71
N LYS A 372 10.30 12.74 18.50
CA LYS A 372 10.53 14.18 18.33
C LYS A 372 10.64 14.96 19.64
N LYS A 373 10.05 14.42 20.71
CA LYS A 373 9.95 15.12 21.98
C LYS A 373 11.26 15.02 22.74
N TYR A 374 11.69 16.14 23.33
CA TYR A 374 12.98 16.24 24.00
C TYR A 374 13.26 15.11 25.00
N GLN A 375 12.47 15.01 26.07
CA GLN A 375 12.74 13.99 27.09
C GLN A 375 12.50 12.57 26.55
N SER A 376 11.38 12.39 25.85
CA SER A 376 10.95 11.06 25.40
C SER A 376 11.90 10.45 24.38
N SER A 377 12.55 11.32 23.58
CA SER A 377 13.45 10.88 22.51
C SER A 377 14.67 10.14 23.05
N ASN A 378 14.98 10.33 24.33
CA ASN A 378 16.11 9.65 24.94
C ASN A 378 15.76 8.27 25.52
N ILE A 379 14.49 7.89 25.46
CA ILE A 379 14.08 6.55 25.86
C ILE A 379 14.57 5.56 24.80
N ASP A 380 15.03 4.39 25.24
CA ASP A 380 15.41 3.31 24.33
C ASP A 380 14.20 2.44 23.95
N GLN A 381 14.13 2.08 22.67
CA GLN A 381 13.33 0.95 22.25
C GLN A 381 14.16 -0.30 22.50
N ILE A 382 13.51 -1.38 22.94
CA ILE A 382 14.22 -2.64 23.17
C ILE A 382 13.75 -3.72 22.19
N ALA A 383 14.74 -4.44 21.64
CA ALA A 383 14.49 -5.49 20.65
C ALA A 383 15.10 -6.79 21.17
N SER A 384 14.63 -7.19 22.36
CA SER A 384 15.27 -8.27 23.11
C SER A 384 14.61 -9.64 22.95
N LEU A 385 13.44 -9.69 22.30
CA LEU A 385 12.72 -10.96 22.19
C LEU A 385 13.54 -11.98 21.37
N GLY A 386 13.86 -13.11 22.00
CA GLY A 386 14.67 -14.16 21.36
C GLY A 386 16.17 -13.97 21.53
N PHE A 387 16.57 -12.87 22.16
CA PHE A 387 17.99 -12.55 22.30
C PHE A 387 18.75 -13.59 23.11
N GLY A 388 19.91 -13.99 22.60
CA GLY A 388 20.73 -15.02 23.22
C GLY A 388 20.45 -16.42 22.70
N LYS A 389 19.47 -16.56 21.81
CA LYS A 389 19.07 -17.88 21.32
C LYS A 389 19.06 -17.99 19.78
N ASP A 390 19.48 -16.93 19.10
CA ASP A 390 19.61 -16.97 17.65
C ASP A 390 20.80 -17.85 17.27
N VAL A 391 20.67 -18.53 16.13
CA VAL A 391 21.73 -19.40 15.60
C VAL A 391 22.16 -18.95 14.21
N TYR A 392 23.35 -19.35 13.80
CA TYR A 392 23.82 -19.16 12.44
C TYR A 392 24.36 -20.49 11.92
N GLY A 393 24.25 -20.74 10.62
CA GLY A 393 24.74 -21.98 10.02
C GLY A 393 23.94 -23.23 10.34
N ASP A 394 22.64 -23.07 10.59
CA ASP A 394 21.77 -24.22 10.78
C ASP A 394 21.71 -25.04 9.49
N GLU A 395 21.69 -26.36 9.63
CA GLU A 395 21.64 -27.32 8.50
C GLU A 395 20.52 -27.05 7.51
N CYS A 396 19.35 -26.68 8.02
N CYS A 396 19.37 -26.64 8.05
CA CYS A 396 18.21 -26.47 7.15
CA CYS A 396 18.09 -26.55 7.34
C CYS A 396 17.98 -24.99 6.85
C CYS A 396 17.62 -25.12 7.01
N TYR A 397 17.94 -24.18 7.89
CA TYR A 397 17.52 -22.77 7.75
C TYR A 397 18.69 -21.81 7.76
N PRO A 398 18.99 -21.16 6.61
CA PRO A 398 20.14 -20.26 6.50
C PRO A 398 19.94 -18.87 7.10
N GLY A 399 21.06 -18.19 7.35
CA GLY A 399 21.07 -16.86 7.96
C GLY A 399 21.15 -16.92 9.46
N VAL A 400 20.88 -15.78 10.10
CA VAL A 400 20.73 -15.75 11.55
C VAL A 400 19.27 -16.00 11.85
N VAL A 401 18.99 -17.07 12.58
CA VAL A 401 17.64 -17.62 12.73
C VAL A 401 17.25 -17.80 14.19
N GLY A 402 16.05 -17.34 14.53
CA GLY A 402 15.41 -17.62 15.83
C GLY A 402 14.23 -18.56 15.65
N LYS A 403 13.87 -19.28 16.72
N LYS A 403 13.87 -19.27 16.80
CA LYS A 403 12.81 -20.28 16.64
CA LYS A 403 12.82 -20.27 16.69
C LYS A 403 11.40 -19.74 16.96
C LYS A 403 11.45 -19.72 17.05
N SER A 404 11.16 -18.47 16.66
CA SER A 404 9.83 -17.88 16.81
C SER A 404 9.58 -16.72 15.87
N ALA A 405 8.41 -16.72 15.22
CA ALA A 405 7.96 -15.57 14.42
C ALA A 405 7.46 -14.44 15.33
N ILE A 406 7.22 -14.78 16.58
CA ILE A 406 6.97 -13.78 17.62
C ILE A 406 8.33 -13.60 18.28
N GLY A 407 9.08 -12.61 17.79
CA GLY A 407 10.50 -12.49 18.12
C GLY A 407 11.06 -11.22 17.53
N GLU A 408 12.27 -10.88 17.97
CA GLU A 408 12.89 -9.65 17.49
C GLU A 408 14.26 -9.87 16.83
N THR A 409 14.52 -11.12 16.43
CA THR A 409 15.69 -11.47 15.62
C THR A 409 15.87 -10.53 14.42
N SER A 410 14.79 -10.34 13.67
CA SER A 410 14.87 -9.52 12.45
C SER A 410 14.90 -8.02 12.74
N TYR A 411 14.33 -7.57 13.86
CA TYR A 411 14.53 -6.17 14.30
C TYR A 411 16.03 -5.91 14.52
N ARG A 412 16.67 -6.83 15.23
CA ARG A 412 18.07 -6.67 15.57
C ARG A 412 18.94 -6.60 14.30
N GLY A 413 18.66 -7.48 13.33
CA GLY A 413 19.39 -7.45 12.07
C GLY A 413 19.14 -6.21 11.24
N PHE A 414 17.88 -5.75 11.25
CA PHE A 414 17.51 -4.55 10.52
C PHE A 414 18.27 -3.36 11.07
N TYR A 415 18.22 -3.21 12.39
CA TYR A 415 18.86 -2.06 13.02
C TYR A 415 20.39 -2.15 13.05
N ARG A 416 20.94 -3.35 13.06
N ARG A 416 20.89 -3.38 13.06
CA ARG A 416 22.39 -3.48 12.91
CA ARG A 416 22.33 -3.66 12.89
C ARG A 416 22.80 -2.92 11.54
C ARG A 416 22.83 -3.07 11.57
N ALA A 417 22.12 -3.38 10.48
CA ALA A 417 22.47 -2.91 9.14
C ALA A 417 22.27 -1.39 9.02
N TYR A 418 21.17 -0.91 9.60
CA TYR A 418 20.88 0.50 9.61
C TYR A 418 22.02 1.32 10.22
N GLN A 419 22.46 0.91 11.42
CA GLN A 419 23.52 1.62 12.13
C GLN A 419 24.84 1.56 11.35
N ALA A 420 25.13 0.41 10.74
CA ALA A 420 26.32 0.26 9.92
C ALA A 420 26.30 1.25 8.75
N HIS A 421 25.15 1.40 8.12
CA HIS A 421 25.02 2.36 7.04
C HIS A 421 25.14 3.83 7.45
N ILE A 422 24.44 4.22 8.52
CA ILE A 422 24.49 5.64 8.91
C ILE A 422 25.88 6.07 9.42
N SER A 423 26.67 5.09 9.87
N SER A 423 26.68 5.10 9.87
CA SER A 423 28.04 5.33 10.33
CA SER A 423 28.06 5.38 10.32
C SER A 423 29.09 5.09 9.24
C SER A 423 29.05 5.37 9.16
N SER A 424 28.63 4.86 8.00
CA SER A 424 29.53 4.65 6.85
C SER A 424 29.34 5.65 5.73
N SER A 425 30.41 5.93 4.99
N SER A 425 30.40 5.93 4.99
CA SER A 425 30.40 6.90 3.88
CA SER A 425 30.37 6.90 3.89
C SER A 425 30.20 6.23 2.52
C SER A 425 30.18 6.24 2.53
N ASN A 426 30.38 4.92 2.47
CA ASN A 426 30.25 4.16 1.24
C ASN A 426 30.09 2.67 1.52
N TRP A 427 29.91 1.89 0.45
CA TRP A 427 29.74 0.46 0.56
C TRP A 427 30.93 -0.25 1.19
N ALA A 428 32.15 0.17 0.83
CA ALA A 428 33.36 -0.42 1.41
C ALA A 428 33.37 -0.30 2.93
N GLU A 429 33.01 0.87 3.44
CA GLU A 429 32.93 1.07 4.88
C GLU A 429 31.80 0.26 5.54
N PHE A 430 30.67 0.13 4.85
CA PHE A 430 29.60 -0.73 5.36
C PHE A 430 30.10 -2.15 5.51
N GLU A 431 30.80 -2.65 4.49
CA GLU A 431 31.34 -4.01 4.51
C GLU A 431 32.28 -4.21 5.69
N ASN A 432 33.16 -3.25 5.94
CA ASN A 432 34.05 -3.31 7.11
C ASN A 432 33.31 -3.30 8.44
N ALA A 433 32.21 -2.56 8.50
CA ALA A 433 31.41 -2.46 9.72
C ALA A 433 30.55 -3.72 9.93
N SER A 434 30.47 -4.55 8.89
CA SER A 434 29.58 -5.71 8.90
C SER A 434 30.30 -7.05 8.83
N ARG A 435 31.63 -7.04 8.94
CA ARG A 435 32.50 -8.21 8.84
C ARG A 435 32.09 -9.35 9.79
N ASN A 436 31.65 -9.00 10.99
CA ASN A 436 31.25 -9.99 11.99
C ASN A 436 29.74 -9.99 12.28
N TRP A 437 28.94 -9.66 11.28
CA TRP A 437 27.50 -9.46 11.46
C TRP A 437 26.77 -10.62 12.13
N HIS A 438 27.15 -11.86 11.80
CA HIS A 438 26.43 -13.01 12.33
C HIS A 438 27.00 -13.47 13.68
N ILE A 439 28.28 -13.22 13.91
CA ILE A 439 28.89 -13.49 15.22
C ILE A 439 28.44 -12.43 16.21
N MET B 1 -31.85 18.14 -21.24
CA MET B 1 -30.58 18.82 -21.66
C MET B 1 -29.41 17.83 -21.74
N MET B 2 -28.66 17.90 -22.84
N MET B 2 -28.69 17.86 -22.85
CA MET B 2 -27.59 16.96 -23.12
CA MET B 2 -27.58 16.93 -23.08
C MET B 2 -26.26 17.65 -23.34
C MET B 2 -26.26 17.64 -23.36
N ILE B 3 -25.18 16.90 -23.14
CA ILE B 3 -23.83 17.42 -23.34
C ILE B 3 -23.32 16.85 -24.68
N ASN B 4 -22.70 17.69 -25.49
CA ASN B 4 -22.08 17.26 -26.74
C ASN B 4 -20.62 16.94 -26.45
N THR B 5 -20.29 15.67 -26.33
CA THR B 5 -18.95 15.28 -25.91
C THR B 5 -17.86 15.50 -26.96
N GLN B 6 -18.25 15.78 -28.22
CA GLN B 6 -17.25 16.14 -29.21
C GLN B 6 -16.74 17.56 -28.96
N GLU B 7 -17.63 18.45 -28.53
CA GLU B 7 -17.25 19.84 -28.26
C GLU B 7 -16.77 19.98 -26.82
N ASP B 8 -17.41 19.26 -25.90
CA ASP B 8 -17.05 19.29 -24.49
C ASP B 8 -16.00 18.25 -24.21
N LYS B 9 -14.76 18.62 -24.54
CA LYS B 9 -13.65 17.68 -24.65
C LYS B 9 -13.21 17.05 -23.33
N LEU B 10 -13.62 17.65 -22.21
CA LEU B 10 -13.20 17.14 -20.91
C LEU B 10 -14.20 16.17 -20.29
N VAL B 11 -15.35 16.02 -20.94
CA VAL B 11 -16.43 15.25 -20.33
C VAL B 11 -16.43 13.81 -20.83
N SER B 12 -16.44 12.85 -19.89
CA SER B 12 -16.53 11.45 -20.28
C SER B 12 -17.92 11.11 -20.75
N ALA B 13 -18.03 10.09 -21.61
CA ALA B 13 -19.33 9.63 -22.04
C ALA B 13 -20.17 9.19 -20.83
N HIS B 14 -19.52 8.53 -19.88
CA HIS B 14 -20.18 8.13 -18.64
C HIS B 14 -20.79 9.32 -17.91
N ASP B 15 -20.00 10.37 -17.68
CA ASP B 15 -20.51 11.52 -16.93
C ASP B 15 -21.59 12.27 -17.69
N ALA B 16 -21.47 12.34 -19.01
CA ALA B 16 -22.46 13.03 -19.82
C ALA B 16 -23.83 12.36 -19.69
N GLU B 17 -23.88 11.02 -19.80
N GLU B 17 -23.83 11.03 -19.82
CA GLU B 17 -25.18 10.34 -19.71
CA GLU B 17 -25.02 10.19 -19.67
C GLU B 17 -25.76 10.38 -18.29
C GLU B 17 -25.69 10.41 -18.34
N GLU B 18 -24.88 10.34 -17.28
CA GLU B 18 -25.34 10.47 -15.91
C GLU B 18 -25.98 11.84 -15.71
N PHE B 19 -25.34 12.88 -16.25
CA PHE B 19 -25.91 14.20 -16.11
C PHE B 19 -27.33 14.26 -16.70
N HIS B 20 -27.46 13.71 -17.91
CA HIS B 20 -28.76 13.68 -18.56
C HIS B 20 -29.79 12.92 -17.72
N ARG B 21 -29.37 11.77 -17.16
N ARG B 21 -29.38 11.77 -17.16
CA ARG B 21 -30.22 10.93 -16.30
CA ARG B 21 -30.25 10.93 -16.32
C ARG B 21 -30.87 11.76 -15.21
C ARG B 21 -30.87 11.72 -15.17
N PHE B 22 -30.03 12.47 -14.47
CA PHE B 22 -30.47 13.23 -13.32
C PHE B 22 -31.19 14.51 -13.70
N PHE B 23 -30.93 15.02 -14.91
CA PHE B 23 -31.62 16.21 -15.39
C PHE B 23 -33.07 15.86 -15.67
N VAL B 24 -33.30 14.86 -16.51
CA VAL B 24 -34.69 14.50 -16.88
C VAL B 24 -35.44 13.78 -15.76
N GLY B 25 -34.69 13.23 -14.80
CA GLY B 25 -35.30 12.47 -13.72
C GLY B 25 -35.80 13.31 -12.55
N HIS B 26 -35.64 14.63 -12.65
CA HIS B 26 -36.01 15.48 -11.54
C HIS B 26 -37.49 15.32 -11.17
N ASP B 27 -37.74 15.11 -9.89
CA ASP B 27 -39.08 15.08 -9.36
C ASP B 27 -39.04 15.71 -7.96
N SER B 28 -39.87 16.72 -7.73
N SER B 28 -39.85 16.74 -7.72
CA SER B 28 -39.86 17.49 -6.48
CA SER B 28 -39.74 17.47 -6.46
C SER B 28 -40.11 16.63 -5.25
C SER B 28 -40.12 16.63 -5.22
N ASP B 29 -41.11 15.74 -5.35
CA ASP B 29 -41.46 14.83 -4.25
C ASP B 29 -40.28 13.91 -3.93
N LEU B 30 -39.67 13.37 -4.99
CA LEU B 30 -38.57 12.44 -4.81
C LEU B 30 -37.36 13.16 -4.18
N GLN B 31 -37.13 14.38 -4.63
CA GLN B 31 -36.06 15.19 -4.06
C GLN B 31 -36.19 15.33 -2.55
N GLN B 32 -37.38 15.64 -2.06
N GLN B 32 -37.44 15.67 -2.11
CA GLN B 32 -37.55 15.83 -0.60
CA GLN B 32 -37.68 15.81 -0.67
C GLN B 32 -37.45 14.49 0.13
C GLN B 32 -37.40 14.49 0.06
N GLU B 33 -37.97 13.42 -0.48
CA GLU B 33 -37.90 12.08 0.12
C GLU B 33 -36.48 11.59 0.28
N VAL B 34 -35.69 11.76 -0.78
CA VAL B 34 -34.32 11.31 -0.77
C VAL B 34 -33.42 12.20 0.10
N THR B 35 -33.72 13.50 0.13
CA THR B 35 -32.98 14.38 1.04
C THR B 35 -33.20 13.92 2.48
N THR B 36 -34.43 13.58 2.85
CA THR B 36 -34.70 13.09 4.20
C THR B 36 -33.95 11.78 4.48
N LEU B 37 -34.01 10.86 3.52
CA LEU B 37 -33.31 9.59 3.62
C LEU B 37 -31.81 9.76 3.91
N LEU B 38 -31.15 10.63 3.14
CA LEU B 38 -29.71 10.81 3.28
C LEU B 38 -29.37 11.54 4.55
N THR B 39 -30.24 12.44 5.00
CA THR B 39 -30.03 13.13 6.26
C THR B 39 -30.14 12.16 7.44
N ARG B 40 -31.15 11.29 7.42
CA ARG B 40 -31.28 10.24 8.44
C ARG B 40 -30.07 9.30 8.43
N GLU B 41 -29.66 8.88 7.24
CA GLU B 41 -28.51 7.98 7.13
C GLU B 41 -27.26 8.63 7.73
N ALA B 42 -27.03 9.91 7.40
CA ALA B 42 -25.84 10.61 7.88
C ALA B 42 -25.87 10.80 9.40
N HIS B 43 -27.06 11.07 9.93
CA HIS B 43 -27.21 11.25 11.39
C HIS B 43 -26.86 9.93 12.09
N LEU B 44 -27.41 8.84 11.58
CA LEU B 44 -27.18 7.51 12.13
C LEU B 44 -25.69 7.17 12.15
N LEU B 45 -25.01 7.47 11.05
CA LEU B 45 -23.56 7.24 10.97
C LEU B 45 -22.77 8.16 11.90
N ASP B 46 -23.17 9.44 12.00
CA ASP B 46 -22.49 10.38 12.88
C ASP B 46 -22.52 9.98 14.35
N ILE B 47 -23.61 9.34 14.77
CA ILE B 47 -23.69 8.89 16.17
C ILE B 47 -23.14 7.46 16.33
N GLN B 48 -22.60 6.92 15.23
CA GLN B 48 -21.85 5.64 15.23
C GLN B 48 -22.75 4.44 15.47
N ALA B 49 -23.99 4.57 15.01
CA ALA B 49 -24.96 3.49 15.09
C ALA B 49 -24.79 2.58 13.89
N TYR B 50 -23.61 1.98 13.81
CA TYR B 50 -23.27 1.17 12.64
C TYR B 50 -24.11 -0.10 12.44
N LYS B 51 -24.55 -0.72 13.50
N LYS B 51 -24.73 -0.65 13.97
CA LYS B 51 -25.39 -1.93 13.37
CA LYS B 51 -25.48 -1.80 13.45
C LYS B 51 -26.77 -1.54 12.85
C LYS B 51 -26.45 -1.37 12.38
N ALA B 52 -27.31 -0.44 13.37
CA ALA B 52 -28.61 0.04 12.90
C ALA B 52 -28.54 0.43 11.43
N TRP B 53 -27.43 1.06 11.05
CA TRP B 53 -27.21 1.42 9.65
C TRP B 53 -27.18 0.18 8.76
N LEU B 54 -26.37 -0.81 9.15
CA LEU B 54 -26.23 -2.01 8.33
C LEU B 54 -27.54 -2.79 8.24
N GLU B 55 -28.27 -2.87 9.35
CA GLU B 55 -29.52 -3.62 9.35
C GLU B 55 -30.65 -2.88 8.61
N HIS B 56 -30.76 -1.58 8.85
CA HIS B 56 -31.96 -0.84 8.41
C HIS B 56 -31.78 -0.03 7.14
N PHE B 57 -30.54 0.35 6.84
CA PHE B 57 -30.29 1.19 5.66
C PHE B 57 -29.57 0.49 4.53
N VAL B 58 -29.08 -0.74 4.75
CA VAL B 58 -28.24 -1.42 3.74
C VAL B 58 -28.89 -2.74 3.35
N ALA B 59 -29.00 -2.98 2.05
CA ALA B 59 -29.67 -4.18 1.55
C ALA B 59 -28.74 -5.38 1.55
N PRO B 60 -29.31 -6.60 1.69
CA PRO B 60 -28.47 -7.80 1.65
C PRO B 60 -27.54 -7.87 0.44
N GLU B 61 -28.00 -7.39 -0.72
CA GLU B 61 -27.24 -7.46 -1.97
C GLU B 61 -26.21 -6.33 -2.18
N ILE B 62 -25.98 -5.56 -1.12
CA ILE B 62 -25.11 -4.39 -1.18
C ILE B 62 -23.78 -4.65 -1.87
N LYS B 63 -23.39 -3.71 -2.73
N LYS B 63 -23.37 -3.71 -2.72
CA LYS B 63 -22.01 -3.54 -3.19
CA LYS B 63 -21.98 -3.57 -3.15
C LYS B 63 -21.60 -2.15 -2.71
C LYS B 63 -21.56 -2.16 -2.75
N TYR B 64 -20.61 -2.09 -1.82
CA TYR B 64 -20.18 -0.81 -1.23
C TYR B 64 -18.74 -0.59 -1.69
N GLN B 65 -18.56 0.31 -2.66
CA GLN B 65 -17.29 0.43 -3.39
C GLN B 65 -16.74 1.84 -3.40
N VAL B 66 -15.46 1.97 -3.04
CA VAL B 66 -14.76 3.27 -3.08
C VAL B 66 -13.46 2.95 -3.77
N ILE B 67 -13.22 3.64 -4.89
CA ILE B 67 -12.01 3.42 -5.67
C ILE B 67 -11.04 4.58 -5.57
N SER B 68 -9.79 4.26 -5.82
CA SER B 68 -8.77 5.28 -6.05
C SER B 68 -8.27 5.04 -7.46
N ARG B 69 -8.41 6.05 -8.31
CA ARG B 69 -8.04 5.90 -9.71
C ARG B 69 -6.62 6.39 -9.95
N GLU B 70 -5.80 5.53 -10.53
CA GLU B 70 -4.46 5.92 -10.94
C GLU B 70 -4.52 7.07 -11.95
N LEU B 71 -3.65 8.05 -11.77
CA LEU B 71 -3.58 9.19 -12.68
C LEU B 71 -2.91 8.80 -13.99
N ARG B 72 -3.66 8.90 -15.07
CA ARG B 72 -3.17 8.53 -16.40
C ARG B 72 -3.22 9.74 -17.31
N SER B 73 -2.39 9.74 -18.35
CA SER B 73 -2.43 10.81 -19.33
C SER B 73 -3.69 10.76 -20.14
N THR B 74 -4.28 11.94 -20.34
CA THR B 74 -5.52 12.08 -21.09
C THR B 74 -5.35 11.66 -22.55
N SER B 75 -4.09 11.53 -22.98
CA SER B 75 -3.78 11.17 -24.38
C SER B 75 -3.12 9.79 -24.54
N GLU B 76 -2.84 9.14 -23.42
N GLU B 76 -2.93 9.04 -23.34
CA GLU B 76 -2.26 7.81 -23.37
CA GLU B 76 -2.19 7.79 -23.54
C GLU B 76 -3.35 6.76 -23.09
C GLU B 76 -3.07 6.58 -23.19
N ARG B 77 -3.80 6.25 -24.25
CA ARG B 77 -4.83 5.26 -24.61
C ARG B 77 -4.38 3.79 -24.66
N ARG B 78 -3.10 3.62 -25.01
CA ARG B 78 -2.45 2.28 -25.24
C ARG B 78 -2.28 1.44 -23.96
N TYR B 79 -1.93 2.09 -22.86
CA TYR B 79 -1.73 1.42 -21.58
C TYR B 79 -3.09 1.07 -20.98
N GLN B 80 -3.36 -0.23 -20.89
CA GLN B 80 -4.70 -0.73 -20.61
C GLN B 80 -4.83 -1.46 -19.28
N LEU B 81 -3.78 -1.45 -18.47
CA LEU B 81 -3.84 -2.15 -17.17
C LEU B 81 -4.87 -1.48 -16.28
N ASN B 82 -5.42 -2.26 -15.35
CA ASN B 82 -6.48 -1.76 -14.46
C ASN B 82 -6.10 -0.40 -13.87
N ASP B 83 -6.99 0.58 -13.95
CA ASP B 83 -6.64 1.92 -13.46
C ASP B 83 -7.25 2.26 -12.12
N ALA B 84 -7.91 1.30 -11.49
CA ALA B 84 -8.61 1.57 -10.23
C ALA B 84 -8.31 0.51 -9.20
N VAL B 85 -7.98 0.96 -7.99
CA VAL B 85 -7.84 0.07 -6.85
C VAL B 85 -9.06 0.25 -5.94
N ASN B 86 -9.57 -0.88 -5.43
CA ASN B 86 -10.74 -0.85 -4.52
C ASN B 86 -10.31 -0.62 -3.07
N LEU B 87 -10.49 0.60 -2.59
CA LEU B 87 -10.26 0.87 -1.17
C LEU B 87 -11.32 0.17 -0.32
N TYR B 88 -12.54 0.18 -0.83
CA TYR B 88 -13.63 -0.67 -0.37
C TYR B 88 -14.23 -1.35 -1.60
N ASN B 89 -14.63 -2.61 -1.42
CA ASN B 89 -15.49 -3.27 -2.40
C ASN B 89 -16.20 -4.38 -1.68
N GLU B 90 -17.18 -3.99 -0.89
CA GLU B 90 -17.70 -4.85 0.16
C GLU B 90 -19.09 -5.39 -0.11
N ASN B 91 -19.29 -6.67 0.19
CA ASN B 91 -20.63 -7.24 0.26
C ASN B 91 -21.15 -7.12 1.70
N TYR B 92 -22.32 -7.67 1.97
CA TYR B 92 -22.93 -7.49 3.29
C TYR B 92 -22.09 -8.11 4.41
N GLN B 93 -21.58 -9.32 4.18
CA GLN B 93 -20.75 -9.98 5.18
C GLN B 93 -19.47 -9.17 5.47
N GLN B 94 -18.89 -8.59 4.43
CA GLN B 94 -17.69 -7.80 4.60
C GLN B 94 -17.98 -6.50 5.36
N LEU B 95 -19.14 -5.90 5.11
CA LEU B 95 -19.55 -4.77 5.94
C LEU B 95 -19.79 -5.23 7.40
N LYS B 96 -20.40 -6.40 7.56
CA LYS B 96 -20.65 -6.93 8.89
C LYS B 96 -19.34 -7.03 9.69
N VAL B 97 -18.31 -7.57 9.05
CA VAL B 97 -17.01 -7.70 9.67
C VAL B 97 -16.48 -6.32 10.09
N ARG B 98 -16.58 -5.35 9.19
CA ARG B 98 -16.08 -4.01 9.50
C ARG B 98 -16.86 -3.36 10.65
N VAL B 99 -18.16 -3.59 10.67
CA VAL B 99 -19.00 -3.09 11.74
C VAL B 99 -18.67 -3.74 13.10
N GLU B 100 -18.44 -5.04 13.11
N GLU B 100 -18.48 -5.06 13.12
CA GLU B 100 -18.09 -5.74 14.35
CA GLU B 100 -18.08 -5.74 14.34
C GLU B 100 -16.70 -5.37 14.88
C GLU B 100 -16.77 -5.15 14.86
N HIS B 101 -15.79 -5.01 13.97
CA HIS B 101 -14.48 -4.46 14.34
C HIS B 101 -14.69 -3.09 14.99
N GLN B 102 -15.63 -2.32 14.45
CA GLN B 102 -15.91 -0.99 14.97
C GLN B 102 -16.37 -0.96 16.41
N MET B 103 -17.25 -1.85 16.80
N MET B 103 -17.20 -2.00 16.80
CA MET B 103 -17.78 -1.74 18.15
CA MET B 103 -17.91 -1.91 18.06
C MET B 103 -17.18 -2.66 19.19
C MET B 103 -17.32 -2.84 19.11
N ASP B 104 -16.16 -3.43 18.80
CA ASP B 104 -15.46 -4.30 19.72
C ASP B 104 -14.81 -3.42 20.78
N PRO B 105 -15.00 -3.77 22.07
CA PRO B 105 -14.37 -2.98 23.12
C PRO B 105 -12.84 -3.01 23.08
N GLN B 106 -12.26 -3.94 22.31
CA GLN B 106 -10.80 -3.98 22.17
C GLN B 106 -10.31 -3.33 20.88
N ASN B 107 -11.18 -2.55 20.24
CA ASN B 107 -10.73 -1.67 19.16
C ASN B 107 -10.05 -0.48 19.80
N TRP B 108 -8.73 -0.53 19.88
CA TRP B 108 -7.98 0.47 20.66
C TRP B 108 -8.12 1.86 20.06
N ALA B 109 -8.22 1.92 18.73
CA ALA B 109 -8.29 3.19 18.01
C ALA B 109 -9.53 4.02 18.34
N ASN B 110 -10.59 3.33 18.78
CA ASN B 110 -11.87 3.98 19.09
C ASN B 110 -11.97 4.50 20.52
N ASN B 111 -10.87 4.50 21.25
CA ASN B 111 -10.87 4.98 22.63
C ASN B 111 -9.78 6.03 22.79
N PRO B 112 -10.14 7.26 23.20
CA PRO B 112 -11.48 7.80 23.45
C PRO B 112 -12.35 7.89 22.20
N LYS B 113 -13.66 7.94 22.41
CA LYS B 113 -14.61 7.93 21.32
C LYS B 113 -14.34 9.01 20.28
N ILE B 114 -14.30 8.61 19.01
N ILE B 114 -14.36 8.59 19.02
CA ILE B 114 -14.02 9.53 17.91
CA ILE B 114 -14.15 9.46 17.87
C ILE B 114 -15.29 10.35 17.58
C ILE B 114 -15.34 10.41 17.70
N ARG B 115 -15.09 11.57 17.07
CA ARG B 115 -16.21 12.46 16.70
C ARG B 115 -16.35 12.58 15.19
N PHE B 116 -17.54 12.28 14.68
CA PHE B 116 -17.86 12.42 13.27
C PHE B 116 -18.94 13.44 13.01
N THR B 117 -18.77 14.23 11.96
CA THR B 117 -19.79 15.18 11.53
C THR B 117 -19.89 15.12 10.01
N ARG B 118 -21.09 14.85 9.48
CA ARG B 118 -21.27 14.69 8.04
C ARG B 118 -22.14 15.80 7.46
N PHE B 119 -21.71 16.34 6.32
CA PHE B 119 -22.41 17.41 5.63
C PHE B 119 -22.78 16.91 4.26
N VAL B 120 -24.07 16.73 4.02
CA VAL B 120 -24.56 16.18 2.76
C VAL B 120 -25.21 17.29 1.95
N THR B 121 -24.80 17.42 0.70
CA THR B 121 -25.32 18.52 -0.14
C THR B 121 -25.56 18.06 -1.57
N ASN B 122 -26.19 18.91 -2.37
CA ASN B 122 -26.31 18.67 -3.81
C ASN B 122 -26.97 17.34 -4.13
N VAL B 123 -28.03 17.03 -3.40
CA VAL B 123 -28.74 15.79 -3.58
C VAL B 123 -29.53 15.83 -4.86
N THR B 124 -29.36 14.81 -5.67
N THR B 124 -29.37 14.77 -5.67
CA THR B 124 -30.26 14.61 -6.77
CA THR B 124 -30.05 14.63 -6.97
C THR B 124 -30.68 13.17 -6.81
C THR B 124 -30.52 13.17 -7.13
N ALA B 125 -31.82 12.95 -7.44
CA ALA B 125 -32.39 11.62 -7.49
C ALA B 125 -33.11 11.37 -8.80
N ALA B 126 -33.20 10.12 -9.21
CA ALA B 126 -34.00 9.73 -10.39
C ALA B 126 -34.43 8.30 -10.24
N LYS B 127 -35.71 8.05 -10.46
CA LYS B 127 -36.24 6.69 -10.49
C LYS B 127 -35.64 5.98 -11.70
N ASP B 128 -35.23 4.72 -11.53
CA ASP B 128 -34.74 3.94 -12.66
C ASP B 128 -35.86 3.77 -13.68
N LYS B 129 -35.52 3.88 -14.97
CA LYS B 129 -36.56 3.79 -16.01
C LYS B 129 -37.05 2.38 -16.25
N SER B 130 -36.29 1.37 -15.81
N SER B 130 -36.29 1.38 -15.79
CA SER B 130 -36.72 -0.01 -15.94
CA SER B 130 -36.66 -0.02 -15.96
C SER B 130 -37.31 -0.54 -14.63
C SER B 130 -37.19 -0.68 -14.69
N ALA B 131 -36.52 -0.38 -13.57
CA ALA B 131 -36.89 -0.90 -12.25
C ALA B 131 -37.37 0.25 -11.38
N PRO B 132 -38.68 0.52 -11.38
CA PRO B 132 -39.10 1.72 -10.67
C PRO B 132 -38.87 1.71 -9.15
N GLU B 133 -38.66 0.52 -8.56
CA GLU B 133 -38.33 0.42 -7.12
C GLU B 133 -36.89 0.85 -6.82
N ILE B 134 -36.10 1.02 -7.88
CA ILE B 134 -34.71 1.48 -7.75
C ILE B 134 -34.61 2.99 -7.93
N LEU B 135 -33.96 3.64 -6.98
CA LEU B 135 -33.74 5.07 -7.01
C LEU B 135 -32.25 5.32 -7.19
N HIS B 136 -31.91 6.03 -8.25
CA HIS B 136 -30.54 6.51 -8.45
C HIS B 136 -30.39 7.78 -7.66
N VAL B 137 -29.33 7.87 -6.87
CA VAL B 137 -29.10 9.02 -6.02
C VAL B 137 -27.67 9.46 -6.15
N ARG B 138 -27.48 10.77 -6.27
N ARG B 138 -27.48 10.77 -6.21
CA ARG B 138 -26.16 11.38 -6.24
CA ARG B 138 -26.16 11.36 -6.25
C ARG B 138 -26.18 12.37 -5.09
C ARG B 138 -26.12 12.46 -5.20
N SER B 139 -25.09 12.43 -4.34
CA SER B 139 -24.96 13.46 -3.30
C SER B 139 -23.50 13.69 -2.97
N ASN B 140 -23.21 14.91 -2.54
CA ASN B 140 -21.85 15.24 -2.17
C ASN B 140 -21.72 15.26 -0.65
N LEU B 141 -20.57 14.84 -0.17
CA LEU B 141 -20.34 14.68 1.26
C LEU B 141 -19.06 15.33 1.68
N ILE B 142 -19.14 16.13 2.76
CA ILE B 142 -17.95 16.49 3.53
C ILE B 142 -18.07 15.74 4.85
N LEU B 143 -17.02 15.01 5.21
CA LEU B 143 -17.01 14.25 6.45
C LEU B 143 -15.84 14.73 7.29
N HIS B 144 -16.14 15.24 8.49
CA HIS B 144 -15.15 15.74 9.45
C HIS B 144 -14.98 14.68 10.55
N ARG B 145 -13.75 14.24 10.76
CA ARG B 145 -13.46 13.27 11.79
C ARG B 145 -12.43 13.87 12.72
N ALA B 146 -12.73 13.90 14.01
CA ALA B 146 -11.83 14.50 15.00
C ALA B 146 -11.56 13.49 16.11
N ARG B 147 -10.30 13.37 16.52
CA ARG B 147 -9.96 12.47 17.64
C ARG B 147 -8.65 12.88 18.29
N ARG B 148 -8.42 12.37 19.50
CA ARG B 148 -7.11 12.43 20.14
C ARG B 148 -6.60 13.88 20.25
N GLU B 149 -7.53 14.79 20.56
CA GLU B 149 -7.22 16.20 20.90
C GLU B 149 -6.98 17.12 19.71
N ASN B 150 -6.08 16.70 18.82
CA ASN B 150 -5.69 17.61 17.73
C ASN B 150 -5.61 16.93 16.38
N GLN B 151 -6.19 15.74 16.26
CA GLN B 151 -6.27 15.11 14.94
C GLN B 151 -7.59 15.50 14.28
N VAL B 152 -7.49 16.08 13.07
CA VAL B 152 -8.68 16.44 12.30
C VAL B 152 -8.45 16.02 10.86
N ASP B 153 -9.39 15.23 10.33
CA ASP B 153 -9.36 14.83 8.95
C ASP B 153 -10.67 15.18 8.30
N VAL B 154 -10.58 15.73 7.10
CA VAL B 154 -11.76 16.12 6.35
C VAL B 154 -11.76 15.41 5.01
N PHE B 155 -12.84 14.68 4.74
CA PHE B 155 -13.03 13.91 3.52
C PHE B 155 -14.05 14.58 2.63
N TYR B 156 -13.87 14.48 1.31
CA TYR B 156 -14.76 15.11 0.32
C TYR B 156 -15.05 14.06 -0.73
N ALA B 157 -16.32 13.85 -1.04
CA ALA B 157 -16.70 12.75 -1.93
C ALA B 157 -18.03 12.98 -2.59
N THR B 158 -18.19 12.40 -3.77
CA THR B 158 -19.50 12.28 -4.42
C THR B 158 -19.91 10.82 -4.37
N ARG B 159 -21.06 10.57 -3.76
CA ARG B 159 -21.60 9.21 -3.64
C ARG B 159 -22.60 8.97 -4.75
N GLU B 160 -22.35 7.94 -5.53
CA GLU B 160 -23.26 7.54 -6.60
C GLU B 160 -23.96 6.26 -6.13
N ASP B 161 -25.22 6.40 -5.75
CA ASP B 161 -25.95 5.30 -5.11
C ASP B 161 -27.08 4.74 -5.95
N LYS B 162 -27.39 3.47 -5.68
CA LYS B 162 -28.67 2.89 -6.02
C LYS B 162 -29.30 2.46 -4.71
N TRP B 163 -30.52 2.92 -4.49
CA TRP B 163 -31.34 2.56 -3.33
C TRP B 163 -32.56 1.80 -3.83
N LYS B 164 -33.10 0.94 -2.98
CA LYS B 164 -34.27 0.15 -3.36
C LYS B 164 -35.39 0.32 -2.34
N ARG B 165 -36.60 0.56 -2.83
CA ARG B 165 -37.79 0.56 -1.97
C ARG B 165 -38.10 -0.86 -1.47
N ILE B 166 -38.43 -0.97 -0.19
CA ILE B 166 -38.71 -2.25 0.49
C ILE B 166 -40.20 -2.34 0.80
N GLU B 167 -40.75 -3.56 0.77
CA GLU B 167 -42.11 -3.82 1.32
C GLU B 167 -42.22 -3.27 2.74
N GLY B 168 -43.23 -2.44 2.99
CA GLY B 168 -43.35 -1.79 4.31
C GLY B 168 -42.96 -0.32 4.32
N GLY B 169 -42.26 0.14 3.28
CA GLY B 169 -42.00 1.57 3.12
C GLY B 169 -40.57 2.03 3.31
N GLY B 170 -39.71 1.14 3.81
CA GLY B 170 -38.30 1.44 3.96
C GLY B 170 -37.58 1.60 2.62
N ILE B 171 -36.33 2.06 2.69
CA ILE B 171 -35.52 2.22 1.49
C ILE B 171 -34.11 1.80 1.92
N LYS B 172 -33.51 0.89 1.17
CA LYS B 172 -32.18 0.37 1.53
C LYS B 172 -31.19 0.52 0.39
N LEU B 173 -29.94 0.73 0.75
CA LEU B 173 -28.85 0.91 -0.19
C LEU B 173 -28.47 -0.42 -0.85
N VAL B 174 -28.48 -0.46 -2.18
N VAL B 174 -28.48 -0.41 -2.19
CA VAL B 174 -28.00 -1.68 -2.87
CA VAL B 174 -28.14 -1.57 -3.01
C VAL B 174 -26.65 -1.48 -3.55
C VAL B 174 -26.70 -1.45 -3.53
N GLU B 175 -26.31 -0.22 -3.86
CA GLU B 175 -24.95 0.06 -4.36
C GLU B 175 -24.55 1.46 -3.94
N ARG B 176 -23.33 1.60 -3.45
CA ARG B 176 -22.73 2.91 -3.33
C ARG B 176 -21.39 2.86 -4.01
N PHE B 177 -21.15 3.83 -4.89
CA PHE B 177 -19.88 3.94 -5.57
C PHE B 177 -19.29 5.34 -5.33
N VAL B 178 -18.03 5.40 -4.92
CA VAL B 178 -17.32 6.66 -4.79
C VAL B 178 -15.99 6.55 -5.56
N ASP B 179 -15.76 7.50 -6.47
CA ASP B 179 -14.47 7.65 -7.14
C ASP B 179 -13.75 8.71 -6.31
N TYR B 180 -12.92 8.28 -5.37
CA TYR B 180 -12.39 9.22 -4.35
C TYR B 180 -11.48 10.27 -5.01
N PRO B 181 -11.74 11.57 -4.79
CA PRO B 181 -11.10 12.58 -5.66
C PRO B 181 -9.64 12.87 -5.44
N GLU B 182 -9.11 12.53 -4.26
CA GLU B 182 -7.71 12.74 -3.93
C GLU B 182 -6.98 11.42 -4.11
N ARG B 183 -5.99 11.38 -5.01
CA ARG B 183 -5.33 10.10 -5.27
C ARG B 183 -4.57 9.60 -4.05
N ILE B 184 -3.91 10.52 -3.34
CA ILE B 184 -3.18 10.20 -2.11
C ILE B 184 -3.81 11.02 -0.99
N PRO B 185 -4.82 10.46 -0.31
CA PRO B 185 -5.40 11.20 0.80
C PRO B 185 -4.38 11.49 1.88
N GLN B 186 -4.46 12.68 2.46
CA GLN B 186 -3.54 13.08 3.52
C GLN B 186 -4.29 13.06 4.85
N THR B 187 -4.94 11.93 5.11
CA THR B 187 -5.89 11.82 6.21
C THR B 187 -5.59 10.64 7.13
N HIS B 188 -4.35 10.13 7.07
CA HIS B 188 -3.89 8.97 7.86
C HIS B 188 -4.45 7.66 7.33
N ASN B 189 -5.76 7.63 7.11
CA ASN B 189 -6.45 6.48 6.56
C ASN B 189 -7.78 6.94 5.98
N LEU B 190 -8.48 6.03 5.31
CA LEU B 190 -9.82 6.31 4.81
C LEU B 190 -10.86 5.40 5.49
N LEU B 191 -10.64 5.08 6.76
CA LEU B 191 -11.50 4.14 7.48
C LEU B 191 -12.75 4.84 7.99
N VAL B 192 -13.53 5.33 7.04
CA VAL B 192 -14.79 6.02 7.34
C VAL B 192 -15.85 5.49 6.39
N PHE B 193 -17.09 5.45 6.84
CA PHE B 193 -18.17 5.12 5.93
C PHE B 193 -18.60 6.37 5.16
N LEU B 194 -18.17 6.46 3.90
CA LEU B 194 -18.63 7.52 3.01
C LEU B 194 -20.03 7.19 2.51
#